data_5H5J
#
_entry.id   5H5J
#
_cell.length_a   52.718
_cell.length_b   126.576
_cell.length_c   59.367
_cell.angle_alpha   90.00
_cell.angle_beta   114.82
_cell.angle_gamma   90.00
#
_symmetry.space_group_name_H-M   'P 1 21 1'
#
loop_
_entity.id
_entity.type
_entity.pdbx_description
1 polymer 'Ferredoxin--NADP reductase'
2 polymer 'Ferredoxin-3, chloroplastic'
3 non-polymer 'FLAVIN-ADENINE DINUCLEOTIDE'
4 non-polymer 'FE2/S2 (INORGANIC) CLUSTER'
5 water water
#
loop_
_entity_poly.entity_id
_entity_poly.type
_entity_poly.pdbx_seq_one_letter_code
_entity_poly.pdbx_strand_id
1 'polypeptide(L)'
;SKVSVAPLHLESAKEPPLNTYKPKEPFTATIVSVESLVGPKAPGETCHIVIDHGGNVPYWEGQSYGVIPPGENPKKPGAP
QNVRLYSIASTRYGDNFDGRTGSLCVRRAVYYDPETGKEDPSKNGVCSNFLCNSKPGDKIQLTGPSGKIMLLPEEDPNAT
HIMIATGTGVAPFRGYLRRMFMEDVPNYRFGGLAWLFLGVANSDSLLYDEEFTSYLKQYPDNFRYDKVLSREQKNRSGGK
MYVQDKIEEYSDEIFKLLDGGAHIYFCGLKGMMPGIQDTLKKVAERRGESWDQKLAQLKKNKQWHVEVY
;
A,C
2 'polypeptide(L)'
;AVYKVKLVGPEGEEHEFDAPDDAYILDAAETAGVELPYSCRAGACSTCAGKIESGSVDQSDGSFLDDGQQEEGYVLTCVS
YPKSDCVIHTHKEGDLY
;
B
#
# COMPACT_ATOMS: atom_id res chain seq x y z
N SER A 1 -25.40 -6.44 20.65
CA SER A 1 -26.37 -5.43 20.13
C SER A 1 -25.80 -4.01 20.23
N LYS A 2 -26.21 -3.14 19.32
CA LYS A 2 -25.72 -1.77 19.32
C LYS A 2 -26.49 -0.90 20.33
N VAL A 3 -25.83 0.15 20.81
CA VAL A 3 -26.41 1.08 21.78
C VAL A 3 -27.36 2.06 21.09
N SER A 4 -28.52 2.28 21.68
CA SER A 4 -29.49 3.23 21.12
C SER A 4 -28.94 4.64 21.28
N VAL A 5 -29.04 5.44 20.24
CA VAL A 5 -28.56 6.81 20.32
C VAL A 5 -29.70 7.74 19.95
N ALA A 6 -29.63 8.96 20.46
CA ALA A 6 -30.66 9.96 20.19
C ALA A 6 -30.03 11.33 20.33
N PRO A 7 -30.58 12.34 19.66
CA PRO A 7 -31.75 12.29 18.77
C PRO A 7 -31.35 11.97 17.33
N LEU A 8 -32.19 11.24 16.62
CA LEU A 8 -31.88 10.88 15.24
C LEU A 8 -31.87 12.06 14.25
N HIS A 9 -32.49 13.17 14.61
CA HIS A 9 -32.51 14.30 13.70
C HIS A 9 -31.09 14.81 13.44
N LEU A 10 -30.12 14.29 14.17
CA LEU A 10 -28.72 14.69 13.96
C LEU A 10 -28.16 14.04 12.70
N GLU A 11 -28.98 13.24 12.01
CA GLU A 11 -28.59 12.57 10.78
C GLU A 11 -29.17 13.33 9.58
N SER A 12 -30.15 14.17 9.86
CA SER A 12 -30.84 14.96 8.84
C SER A 12 -29.98 15.97 8.08
N ALA A 13 -29.02 16.59 8.75
CA ALA A 13 -28.16 17.58 8.08
C ALA A 13 -27.42 17.02 6.87
N LYS A 14 -27.48 17.75 5.76
CA LYS A 14 -26.80 17.32 4.55
C LYS A 14 -25.35 17.81 4.52
N GLU A 15 -25.13 19.01 5.02
CA GLU A 15 -23.78 19.58 5.07
C GLU A 15 -23.36 19.64 6.55
N PRO A 16 -22.06 19.46 6.83
CA PRO A 16 -21.59 19.49 8.22
C PRO A 16 -21.56 20.91 8.78
N PRO A 17 -21.82 21.06 10.09
CA PRO A 17 -21.80 22.40 10.67
C PRO A 17 -20.37 22.91 10.72
N LEU A 18 -20.19 24.19 10.43
CA LEU A 18 -18.86 24.78 10.46
C LEU A 18 -18.89 26.16 11.05
N ASN A 19 -17.93 26.40 11.95
CA ASN A 19 -17.76 27.67 12.61
C ASN A 19 -19.03 28.25 13.23
N THR A 20 -19.79 27.40 13.90
CA THR A 20 -21.02 27.83 14.55
C THR A 20 -20.67 28.88 15.62
N TYR A 21 -19.47 28.79 16.17
CA TYR A 21 -19.00 29.73 17.18
C TYR A 21 -17.59 30.18 16.85
N LYS A 22 -17.40 31.49 16.74
CA LYS A 22 -16.10 32.08 16.43
C LYS A 22 -15.40 32.54 17.71
N PRO A 23 -14.09 32.75 17.65
CA PRO A 23 -13.27 33.19 18.77
C PRO A 23 -13.81 34.41 19.54
N LYS A 24 -14.23 35.43 18.83
CA LYS A 24 -14.74 36.63 19.48
C LYS A 24 -15.98 36.36 20.34
N GLU A 25 -16.77 35.36 19.97
CA GLU A 25 -17.97 35.02 20.73
C GLU A 25 -18.14 33.51 20.87
N PRO A 26 -17.27 32.87 21.67
CA PRO A 26 -17.32 31.42 21.88
C PRO A 26 -18.51 31.02 22.75
N PHE A 27 -18.87 29.73 22.67
CA PHE A 27 -19.97 29.18 23.45
C PHE A 27 -19.40 28.78 24.81
N THR A 28 -20.14 29.02 25.88
CA THR A 28 -19.67 28.65 27.22
C THR A 28 -20.20 27.25 27.51
N ALA A 29 -19.28 26.28 27.55
CA ALA A 29 -19.65 24.89 27.81
C ALA A 29 -19.26 24.49 29.22
N THR A 30 -19.78 23.34 29.65
CA THR A 30 -19.51 22.85 31.00
C THR A 30 -18.83 21.49 30.99
N ILE A 31 -17.78 21.37 31.81
CA ILE A 31 -17.03 20.13 31.91
C ILE A 31 -17.87 19.08 32.63
N VAL A 32 -17.98 17.90 32.04
CA VAL A 32 -18.76 16.84 32.67
C VAL A 32 -17.84 15.89 33.42
N SER A 33 -16.62 15.69 32.91
CA SER A 33 -15.67 14.79 33.55
C SER A 33 -14.29 14.84 32.91
N VAL A 34 -13.29 14.40 33.66
CA VAL A 34 -11.91 14.35 33.21
C VAL A 34 -11.25 13.14 33.85
N GLU A 35 -10.57 12.33 33.05
CA GLU A 35 -9.88 11.15 33.58
C GLU A 35 -8.60 10.88 32.81
N SER A 36 -7.58 10.41 33.53
CA SER A 36 -6.32 10.09 32.88
C SER A 36 -6.56 8.80 32.11
N LEU A 37 -5.95 8.68 30.94
CA LEU A 37 -6.11 7.50 30.10
C LEU A 37 -4.92 6.57 30.24
N VAL A 38 -3.84 7.07 30.85
CA VAL A 38 -2.62 6.29 30.98
C VAL A 38 -2.17 5.86 32.37
N GLY A 39 -1.26 4.89 32.38
CA GLY A 39 -0.70 4.37 33.61
C GLY A 39 0.55 5.12 34.01
N PRO A 40 1.14 4.78 35.17
CA PRO A 40 2.36 5.41 35.72
C PRO A 40 3.58 5.41 34.81
N LYS A 41 3.68 4.42 33.93
CA LYS A 41 4.84 4.34 33.04
C LYS A 41 4.73 5.17 31.76
N ALA A 42 3.58 5.78 31.53
CA ALA A 42 3.40 6.62 30.35
C ALA A 42 4.31 7.83 30.46
N PRO A 43 4.98 8.21 29.37
CA PRO A 43 5.89 9.36 29.35
C PRO A 43 5.24 10.60 29.97
N GLY A 44 3.96 10.78 29.67
CA GLY A 44 3.23 11.91 30.20
C GLY A 44 1.76 11.59 30.24
N GLU A 45 0.95 12.50 30.75
CA GLU A 45 -0.46 12.28 30.84
C GLU A 45 -1.23 12.67 29.59
N THR A 46 -2.24 11.87 29.29
CA THR A 46 -3.15 12.12 28.18
C THR A 46 -4.46 11.86 28.88
N CYS A 47 -5.39 12.82 28.81
CA CYS A 47 -6.66 12.69 29.49
C CYS A 47 -7.87 12.68 28.56
N HIS A 48 -9.00 12.17 29.06
CA HIS A 48 -10.24 12.11 28.30
C HIS A 48 -11.16 13.14 28.91
N ILE A 49 -11.59 14.11 28.12
CA ILE A 49 -12.45 15.14 28.64
C ILE A 49 -13.80 15.13 27.97
N VAL A 50 -14.84 15.06 28.79
CA VAL A 50 -16.19 15.04 28.30
C VAL A 50 -16.70 16.45 28.52
N ILE A 51 -17.34 16.99 27.50
CA ILE A 51 -17.84 18.35 27.57
C ILE A 51 -19.32 18.41 27.23
N ASP A 52 -20.05 19.20 28.01
CA ASP A 52 -21.48 19.36 27.80
C ASP A 52 -21.75 20.64 26.99
N HIS A 53 -22.19 20.50 25.74
CA HIS A 53 -22.47 21.67 24.91
C HIS A 53 -23.98 21.84 24.75
N GLY A 54 -24.71 20.94 25.39
CA GLY A 54 -26.16 20.99 25.38
C GLY A 54 -26.88 20.91 24.05
N GLY A 55 -26.19 20.42 23.02
CA GLY A 55 -26.80 20.31 21.71
C GLY A 55 -26.65 21.61 20.93
N ASN A 56 -25.95 22.58 21.51
CA ASN A 56 -25.74 23.88 20.87
C ASN A 56 -24.57 23.90 19.88
N VAL A 57 -23.57 23.05 20.11
CA VAL A 57 -22.40 22.99 19.23
C VAL A 57 -22.25 21.60 18.64
N PRO A 58 -23.29 21.11 17.95
CA PRO A 58 -23.23 19.77 17.33
C PRO A 58 -22.13 19.70 16.27
N TYR A 59 -21.77 18.48 15.88
CA TYR A 59 -20.71 18.28 14.90
C TYR A 59 -20.81 16.90 14.25
N TRP A 60 -19.94 16.66 13.29
CA TRP A 60 -19.88 15.39 12.57
C TRP A 60 -18.53 14.81 12.97
N GLU A 61 -18.42 13.48 12.96
CA GLU A 61 -17.16 12.84 13.33
C GLU A 61 -16.03 13.33 12.43
N GLY A 62 -14.81 13.30 12.97
CA GLY A 62 -13.65 13.75 12.21
C GLY A 62 -13.38 15.24 12.32
N GLN A 63 -14.35 15.99 12.83
CA GLN A 63 -14.20 17.43 13.02
C GLN A 63 -13.50 17.71 14.34
N SER A 64 -13.17 18.98 14.59
CA SER A 64 -12.50 19.33 15.82
C SER A 64 -13.19 20.46 16.56
N TYR A 65 -12.75 20.70 17.79
CA TYR A 65 -13.31 21.77 18.61
C TYR A 65 -12.22 22.77 18.92
N GLY A 66 -12.61 24.02 19.14
CA GLY A 66 -11.66 25.04 19.50
C GLY A 66 -11.89 25.36 20.96
N VAL A 67 -10.80 25.51 21.72
CA VAL A 67 -10.91 25.85 23.13
C VAL A 67 -10.03 27.07 23.39
N ILE A 68 -10.58 28.07 24.05
CA ILE A 68 -9.83 29.27 24.38
C ILE A 68 -9.55 29.28 25.88
N PRO A 69 -8.32 28.92 26.28
CA PRO A 69 -7.91 28.88 27.67
C PRO A 69 -7.93 30.28 28.26
N PRO A 70 -8.22 30.40 29.57
CA PRO A 70 -8.27 31.70 30.24
C PRO A 70 -6.93 32.43 30.26
N GLY A 71 -6.96 33.72 30.59
CA GLY A 71 -5.75 34.52 30.61
C GLY A 71 -5.61 35.32 29.34
N GLU A 72 -4.51 36.05 29.20
CA GLU A 72 -4.28 36.83 28.00
C GLU A 72 -3.11 36.28 27.19
N ASN A 73 -3.11 36.54 25.89
CA ASN A 73 -2.04 36.06 25.03
C ASN A 73 -0.74 36.61 25.59
N PRO A 74 0.20 35.72 25.92
CA PRO A 74 1.48 36.21 26.46
C PRO A 74 2.28 36.97 25.40
N LYS A 75 1.88 36.82 24.14
CA LYS A 75 2.57 37.49 23.06
C LYS A 75 1.82 38.76 22.60
N LYS A 76 0.62 38.97 23.14
CA LYS A 76 -0.17 40.16 22.79
C LYS A 76 -1.00 40.62 23.98
N PRO A 77 -0.41 41.47 24.84
CA PRO A 77 -1.11 41.98 26.02
C PRO A 77 -2.45 42.61 25.68
N GLY A 78 -3.44 42.36 26.54
CA GLY A 78 -4.78 42.89 26.31
C GLY A 78 -5.61 42.00 25.42
N ALA A 79 -4.95 41.03 24.80
CA ALA A 79 -5.63 40.10 23.91
C ALA A 79 -5.82 38.75 24.61
N PRO A 80 -6.93 38.06 24.31
CA PRO A 80 -7.19 36.76 24.92
C PRO A 80 -6.34 35.68 24.26
N GLN A 81 -6.23 34.52 24.90
CA GLN A 81 -5.45 33.40 24.40
C GLN A 81 -5.92 32.92 23.04
N ASN A 82 -4.98 32.48 22.21
CA ASN A 82 -5.32 31.96 20.89
C ASN A 82 -6.07 30.66 21.12
N VAL A 83 -7.01 30.34 20.25
CA VAL A 83 -7.75 29.11 20.38
C VAL A 83 -6.85 27.92 20.02
N ARG A 84 -7.00 26.83 20.76
CA ARG A 84 -6.23 25.61 20.47
C ARG A 84 -7.24 24.63 19.87
N LEU A 85 -6.83 23.94 18.81
CA LEU A 85 -7.73 22.99 18.18
C LEU A 85 -7.56 21.61 18.78
N TYR A 86 -8.67 20.88 18.87
CA TYR A 86 -8.67 19.52 19.41
C TYR A 86 -9.61 18.61 18.64
N SER A 87 -9.07 17.52 18.13
CA SER A 87 -9.86 16.55 17.37
C SER A 87 -10.88 15.94 18.29
N ILE A 88 -12.15 16.07 17.94
CA ILE A 88 -13.21 15.49 18.74
C ILE A 88 -13.02 13.97 18.70
N ALA A 89 -13.08 13.35 19.88
CA ALA A 89 -12.90 11.91 20.00
C ALA A 89 -14.20 11.14 20.14
N SER A 90 -15.32 11.86 20.06
CA SER A 90 -16.63 11.24 20.21
C SER A 90 -17.46 11.32 18.95
N THR A 91 -18.46 10.46 18.85
CA THR A 91 -19.36 10.49 17.72
C THR A 91 -20.22 11.73 17.95
N ARG A 92 -21.12 12.01 17.03
CA ARG A 92 -21.99 13.17 17.16
C ARG A 92 -22.97 13.03 18.34
N TYR A 93 -23.15 11.80 18.82
CA TYR A 93 -24.07 11.57 19.94
C TYR A 93 -23.34 11.72 21.26
N GLY A 94 -22.03 11.52 21.21
CA GLY A 94 -21.24 11.65 22.42
C GLY A 94 -21.28 10.42 23.29
N ASP A 95 -20.37 10.38 24.25
CA ASP A 95 -20.25 9.29 25.18
C ASP A 95 -21.51 9.00 25.99
N ASN A 96 -22.49 9.89 25.88
CA ASN A 96 -23.75 9.72 26.60
C ASN A 96 -24.89 9.33 25.65
N PHE A 97 -24.56 9.11 24.38
CA PHE A 97 -25.56 8.73 23.38
C PHE A 97 -26.71 9.73 23.50
N ASP A 98 -26.30 10.92 23.96
CA ASP A 98 -27.11 12.10 24.24
C ASP A 98 -27.34 13.06 23.09
N GLY A 99 -26.26 13.36 22.37
CA GLY A 99 -26.33 14.33 21.31
C GLY A 99 -26.11 15.64 22.05
N ARG A 100 -25.79 15.51 23.34
CA ARG A 100 -25.55 16.66 24.22
C ARG A 100 -24.09 16.93 24.56
N THR A 101 -23.22 15.92 24.45
CA THR A 101 -21.82 16.13 24.80
C THR A 101 -20.86 15.70 23.72
N GLY A 102 -19.60 16.10 23.90
CA GLY A 102 -18.53 15.77 22.98
C GLY A 102 -17.30 15.48 23.80
N SER A 103 -16.31 14.81 23.22
CA SER A 103 -15.11 14.50 23.99
C SER A 103 -13.80 14.82 23.30
N LEU A 104 -12.80 15.13 24.12
CA LEU A 104 -11.48 15.46 23.62
C LEU A 104 -10.48 14.50 24.24
N CYS A 105 -9.43 14.22 23.49
CA CYS A 105 -8.35 13.35 23.93
C CYS A 105 -7.17 14.30 23.98
N VAL A 106 -6.84 14.76 25.18
CA VAL A 106 -5.78 15.75 25.37
C VAL A 106 -4.49 15.28 26.01
N ARG A 107 -3.38 15.52 25.31
CA ARG A 107 -2.07 15.17 25.83
C ARG A 107 -1.58 16.39 26.59
N ARG A 108 -1.11 16.16 27.80
CA ARG A 108 -0.61 17.23 28.64
C ARG A 108 0.77 17.63 28.14
N ALA A 109 0.92 18.89 27.72
CA ALA A 109 2.21 19.38 27.23
C ALA A 109 3.00 19.99 28.38
N VAL A 110 4.12 19.35 28.74
CA VAL A 110 4.95 19.80 29.85
C VAL A 110 6.40 20.05 29.45
N TYR A 111 7.07 20.94 30.17
CA TYR A 111 8.46 21.28 29.88
C TYR A 111 9.44 20.70 30.89
N TYR A 112 10.56 20.19 30.40
CA TYR A 112 11.59 19.61 31.26
C TYR A 112 12.97 20.12 30.87
N ASP A 113 13.72 20.63 31.83
CA ASP A 113 15.08 21.11 31.55
C ASP A 113 15.79 19.95 30.84
N PRO A 114 16.29 20.18 29.62
CA PRO A 114 16.98 19.11 28.90
C PRO A 114 18.03 18.37 29.72
N GLU A 115 18.50 18.97 30.81
CA GLU A 115 19.52 18.32 31.63
C GLU A 115 19.02 17.86 33.01
N THR A 116 18.71 18.81 33.89
CA THR A 116 18.23 18.46 35.22
C THR A 116 16.93 17.67 35.16
N GLY A 117 16.39 17.53 33.96
CA GLY A 117 15.15 16.79 33.78
C GLY A 117 14.00 17.26 34.64
N LYS A 118 14.18 18.39 35.33
CA LYS A 118 13.12 18.91 36.18
C LYS A 118 12.10 19.69 35.34
N GLU A 119 10.83 19.50 35.65
CA GLU A 119 9.77 20.18 34.93
C GLU A 119 9.63 21.62 35.38
N ASP A 120 9.49 22.52 34.41
CA ASP A 120 9.31 23.94 34.69
C ASP A 120 7.85 24.22 34.33
N PRO A 121 6.96 24.21 35.34
CA PRO A 121 5.53 24.47 35.17
C PRO A 121 5.24 25.77 34.43
N SER A 122 6.16 26.73 34.55
CA SER A 122 6.02 28.02 33.90
C SER A 122 6.16 27.92 32.38
N LYS A 123 6.74 26.82 31.91
CA LYS A 123 6.95 26.63 30.47
C LYS A 123 6.16 25.50 29.83
N ASN A 124 5.06 25.06 30.44
CA ASN A 124 4.30 23.98 29.83
C ASN A 124 3.08 24.45 29.05
N GLY A 125 2.44 23.52 28.35
CA GLY A 125 1.27 23.84 27.55
C GLY A 125 0.12 24.42 28.34
N VAL A 126 -0.31 25.62 27.97
CA VAL A 126 -1.39 26.31 28.66
C VAL A 126 -2.74 25.62 28.53
N CYS A 127 -3.21 25.45 27.29
CA CYS A 127 -4.51 24.85 27.07
C CYS A 127 -4.64 23.37 27.42
N SER A 128 -3.60 22.59 27.13
CA SER A 128 -3.65 21.16 27.41
C SER A 128 -3.65 20.87 28.90
N ASN A 129 -2.94 21.68 29.67
CA ASN A 129 -2.90 21.49 31.11
C ASN A 129 -4.18 22.03 31.70
N PHE A 130 -4.67 23.10 31.09
CA PHE A 130 -5.91 23.71 31.54
C PHE A 130 -7.00 22.67 31.44
N LEU A 131 -7.05 22.01 30.28
CA LEU A 131 -8.05 20.98 30.05
C LEU A 131 -7.91 19.79 30.99
N CYS A 132 -6.73 19.16 31.03
CA CYS A 132 -6.56 18.01 31.90
C CYS A 132 -6.61 18.34 33.39
N ASN A 133 -6.58 19.63 33.73
CA ASN A 133 -6.67 20.03 35.14
C ASN A 133 -8.13 20.32 35.51
N SER A 134 -9.00 20.35 34.52
CA SER A 134 -10.42 20.63 34.74
C SER A 134 -11.17 19.63 35.62
N LYS A 135 -12.26 20.11 36.21
CA LYS A 135 -13.09 19.31 37.09
C LYS A 135 -14.54 19.47 36.66
N PRO A 136 -15.42 18.55 37.08
CA PRO A 136 -16.84 18.64 36.71
C PRO A 136 -17.38 19.99 37.18
N GLY A 137 -18.00 20.74 36.26
CA GLY A 137 -18.54 22.04 36.61
C GLY A 137 -17.79 23.23 36.04
N ASP A 138 -16.50 23.04 35.72
CA ASP A 138 -15.70 24.11 35.14
C ASP A 138 -16.31 24.56 33.81
N LYS A 139 -16.17 25.84 33.51
CA LYS A 139 -16.70 26.37 32.28
C LYS A 139 -15.54 26.42 31.29
N ILE A 140 -15.84 26.20 30.02
CA ILE A 140 -14.84 26.21 28.97
C ILE A 140 -15.32 26.97 27.74
N GLN A 141 -14.48 27.86 27.22
CA GLN A 141 -14.81 28.64 26.03
C GLN A 141 -14.62 27.75 24.81
N LEU A 142 -15.74 27.37 24.19
CA LEU A 142 -15.73 26.46 23.05
C LEU A 142 -16.02 27.16 21.70
N THR A 143 -15.24 26.85 20.68
CA THR A 143 -15.48 27.42 19.35
C THR A 143 -15.57 26.27 18.33
N GLY A 144 -16.12 26.57 17.15
CA GLY A 144 -16.23 25.56 16.12
C GLY A 144 -17.67 25.11 15.91
N PRO A 145 -17.86 23.85 15.47
CA PRO A 145 -16.79 22.89 15.18
C PRO A 145 -16.09 23.29 13.87
N SER A 146 -14.96 22.65 13.58
CA SER A 146 -14.24 22.99 12.36
C SER A 146 -13.60 21.78 11.67
N GLY A 147 -13.25 21.96 10.41
CA GLY A 147 -12.61 20.89 9.65
C GLY A 147 -13.52 20.10 8.73
N LYS A 148 -12.94 19.60 7.63
CA LYS A 148 -13.66 18.80 6.66
C LYS A 148 -12.79 17.66 6.13
N ILE A 149 -11.48 17.81 6.28
CA ILE A 149 -10.52 16.82 5.81
C ILE A 149 -10.69 15.42 6.41
N MET A 150 -11.14 15.36 7.66
CA MET A 150 -11.32 14.07 8.31
C MET A 150 -12.77 13.59 8.38
N LEU A 151 -13.64 14.15 7.54
CA LEU A 151 -15.02 13.69 7.53
C LEU A 151 -14.99 12.26 7.00
N LEU A 152 -15.78 11.38 7.62
CA LEU A 152 -15.81 9.99 7.19
C LEU A 152 -16.65 9.80 5.93
N PRO A 153 -16.06 9.22 4.86
CA PRO A 153 -16.78 9.00 3.61
C PRO A 153 -17.79 7.86 3.86
N GLU A 154 -19.07 8.17 3.77
CA GLU A 154 -20.11 7.17 4.04
C GLU A 154 -20.90 6.69 2.82
N GLU A 155 -20.66 7.30 1.66
CA GLU A 155 -21.38 6.91 0.44
C GLU A 155 -21.36 5.39 0.26
N ASP A 156 -20.25 4.78 0.61
CA ASP A 156 -20.11 3.32 0.49
C ASP A 156 -20.01 2.72 1.89
N PRO A 157 -21.15 2.29 2.46
CA PRO A 157 -21.18 1.69 3.80
C PRO A 157 -20.31 0.45 3.95
N ASN A 158 -19.84 -0.08 2.82
CA ASN A 158 -18.97 -1.25 2.85
C ASN A 158 -17.55 -0.90 2.42
N ALA A 159 -17.23 0.40 2.43
CA ALA A 159 -15.91 0.87 2.04
C ALA A 159 -14.87 0.35 3.04
N THR A 160 -13.60 0.47 2.67
CA THR A 160 -12.51 0.03 3.54
C THR A 160 -11.79 1.25 4.08
N HIS A 161 -11.52 1.25 5.39
CA HIS A 161 -10.85 2.38 6.01
C HIS A 161 -9.65 1.99 6.83
N ILE A 162 -8.46 2.38 6.36
CA ILE A 162 -7.21 2.09 7.06
C ILE A 162 -6.86 3.33 7.89
N MET A 163 -6.80 3.16 9.20
CA MET A 163 -6.52 4.27 10.11
C MET A 163 -5.17 4.15 10.79
N ILE A 164 -4.27 5.09 10.48
CA ILE A 164 -2.95 5.10 11.08
C ILE A 164 -2.92 6.27 12.05
N ALA A 165 -2.61 5.97 13.32
CA ALA A 165 -2.59 7.00 14.34
C ALA A 165 -1.45 6.86 15.34
N THR A 166 -1.09 7.99 15.94
CA THR A 166 -0.06 8.00 16.98
C THR A 166 -0.52 8.95 18.07
N GLY A 167 -0.35 8.54 19.32
CA GLY A 167 -0.75 9.39 20.43
C GLY A 167 -2.20 9.81 20.35
N THR A 168 -2.45 11.09 20.49
CA THR A 168 -3.82 11.61 20.43
C THR A 168 -4.45 11.50 19.06
N GLY A 169 -3.65 11.10 18.07
CA GLY A 169 -4.15 10.94 16.71
C GLY A 169 -5.27 9.91 16.60
N VAL A 170 -5.43 9.10 17.63
CA VAL A 170 -6.47 8.07 17.63
C VAL A 170 -7.87 8.66 17.79
N ALA A 171 -7.96 9.92 18.23
CA ALA A 171 -9.24 10.60 18.47
C ALA A 171 -10.37 10.47 17.44
N PRO A 172 -10.13 10.87 16.18
CA PRO A 172 -11.20 10.75 15.18
C PRO A 172 -11.61 9.30 14.89
N PHE A 173 -10.66 8.39 14.99
CA PHE A 173 -10.95 6.98 14.73
C PHE A 173 -11.85 6.41 15.82
N ARG A 174 -11.70 6.92 17.05
CA ARG A 174 -12.56 6.46 18.13
C ARG A 174 -13.96 6.88 17.73
N GLY A 175 -14.04 8.00 17.03
CA GLY A 175 -15.33 8.50 16.58
C GLY A 175 -15.89 7.66 15.46
N TYR A 176 -15.03 7.24 14.54
CA TYR A 176 -15.46 6.43 13.40
C TYR A 176 -15.96 5.07 13.87
N LEU A 177 -15.12 4.41 14.66
CA LEU A 177 -15.42 3.08 15.17
C LEU A 177 -16.67 2.98 16.04
N ARG A 178 -16.95 4.00 16.86
CA ARG A 178 -18.16 3.92 17.67
C ARG A 178 -19.34 3.98 16.71
N ARG A 179 -19.18 4.75 15.65
CA ARG A 179 -20.25 4.91 14.68
C ARG A 179 -20.45 3.66 13.81
N MET A 180 -19.35 3.00 13.47
CA MET A 180 -19.43 1.80 12.63
C MET A 180 -19.88 0.56 13.39
N PHE A 181 -19.46 0.44 14.64
CA PHE A 181 -19.74 -0.74 15.44
C PHE A 181 -20.58 -0.66 16.71
N MET A 182 -20.38 0.39 17.51
CA MET A 182 -21.08 0.51 18.79
C MET A 182 -22.46 1.18 18.82
N GLU A 183 -22.68 2.14 17.93
CA GLU A 183 -23.94 2.86 17.91
C GLU A 183 -24.96 2.30 16.93
N ASP A 184 -26.23 2.39 17.31
CA ASP A 184 -27.31 1.92 16.47
C ASP A 184 -27.77 3.06 15.56
N VAL A 185 -27.07 3.24 14.45
CA VAL A 185 -27.41 4.28 13.47
C VAL A 185 -28.01 3.61 12.24
N PRO A 186 -29.35 3.58 12.15
CA PRO A 186 -30.12 2.98 11.06
C PRO A 186 -29.66 3.33 9.63
N ASN A 187 -29.29 4.58 9.43
CA ASN A 187 -28.86 5.02 8.11
C ASN A 187 -27.38 4.84 7.80
N TYR A 188 -26.65 4.17 8.68
CA TYR A 188 -25.25 3.89 8.43
C TYR A 188 -24.86 2.55 9.03
N ARG A 189 -25.03 1.50 8.24
CA ARG A 189 -24.70 0.15 8.67
C ARG A 189 -23.40 -0.26 8.00
N PHE A 190 -22.29 0.01 8.69
CA PHE A 190 -20.99 -0.32 8.15
C PHE A 190 -20.83 -1.82 7.94
N GLY A 191 -20.37 -2.20 6.75
CA GLY A 191 -20.16 -3.60 6.43
C GLY A 191 -18.86 -3.81 5.69
N GLY A 192 -17.95 -2.85 5.81
CA GLY A 192 -16.68 -2.94 5.14
C GLY A 192 -15.57 -3.37 6.07
N LEU A 193 -14.35 -2.91 5.79
CA LEU A 193 -13.23 -3.26 6.63
C LEU A 193 -12.59 -2.05 7.30
N ALA A 194 -12.62 -2.06 8.63
CA ALA A 194 -12.01 -1.00 9.41
C ALA A 194 -10.73 -1.57 9.99
N TRP A 195 -9.60 -0.94 9.67
CA TRP A 195 -8.31 -1.40 10.15
C TRP A 195 -7.60 -0.26 10.88
N LEU A 196 -7.36 -0.45 12.18
CA LEU A 196 -6.71 0.59 12.96
C LEU A 196 -5.30 0.24 13.39
N PHE A 197 -4.37 1.13 13.07
CA PHE A 197 -2.98 0.98 13.45
C PHE A 197 -2.74 2.12 14.45
N LEU A 198 -2.34 1.77 15.68
CA LEU A 198 -2.10 2.77 16.69
C LEU A 198 -0.72 2.59 17.26
N GLY A 199 0.08 3.65 17.22
CA GLY A 199 1.42 3.58 17.76
C GLY A 199 1.53 4.47 19.00
N VAL A 200 2.00 3.91 20.10
CA VAL A 200 2.18 4.66 21.34
C VAL A 200 3.55 4.32 21.92
N ALA A 201 3.89 4.97 23.04
CA ALA A 201 5.19 4.76 23.68
C ALA A 201 5.31 3.39 24.35
N ASN A 202 4.36 3.08 25.22
CA ASN A 202 4.36 1.80 25.91
C ASN A 202 2.91 1.42 26.13
N SER A 203 2.67 0.26 26.71
CA SER A 203 1.30 -0.17 26.96
C SER A 203 0.59 0.74 27.95
N ASP A 204 1.34 1.34 28.87
CA ASP A 204 0.73 2.26 29.82
C ASP A 204 0.23 3.50 29.07
N SER A 205 0.69 3.65 27.83
CA SER A 205 0.29 4.78 26.99
C SER A 205 -0.84 4.45 26.01
N LEU A 206 -1.33 3.20 26.03
CA LEU A 206 -2.41 2.81 25.13
C LEU A 206 -3.68 3.63 25.40
N LEU A 207 -4.34 4.03 24.33
CA LEU A 207 -5.53 4.84 24.44
C LEU A 207 -6.78 4.13 23.93
N TYR A 208 -7.71 3.86 24.84
CA TYR A 208 -8.97 3.21 24.51
C TYR A 208 -8.82 1.78 24.03
N ASP A 209 -7.83 1.06 24.56
CA ASP A 209 -7.60 -0.33 24.15
C ASP A 209 -8.81 -1.24 24.39
N GLU A 210 -9.40 -1.16 25.59
CA GLU A 210 -10.55 -1.99 25.91
C GLU A 210 -11.65 -1.77 24.91
N GLU A 211 -11.77 -0.53 24.43
CA GLU A 211 -12.78 -0.20 23.46
C GLU A 211 -12.49 -0.87 22.12
N PHE A 212 -11.27 -0.70 21.61
CA PHE A 212 -10.91 -1.28 20.32
C PHE A 212 -10.80 -2.81 20.36
N THR A 213 -10.25 -3.36 21.44
CA THR A 213 -10.11 -4.81 21.56
C THR A 213 -11.51 -5.40 21.53
N SER A 214 -12.47 -4.62 22.02
CA SER A 214 -13.86 -5.02 22.06
C SER A 214 -14.41 -5.27 20.65
N TYR A 215 -14.04 -4.40 19.71
CA TYR A 215 -14.50 -4.55 18.33
C TYR A 215 -13.88 -5.79 17.68
N LEU A 216 -12.66 -6.13 18.08
CA LEU A 216 -12.00 -7.31 17.53
C LEU A 216 -12.78 -8.58 17.89
N LYS A 217 -13.51 -8.53 18.99
CA LYS A 217 -14.29 -9.68 19.43
C LYS A 217 -15.66 -9.69 18.75
N GLN A 218 -16.33 -8.55 18.74
CA GLN A 218 -17.66 -8.43 18.16
C GLN A 218 -17.74 -8.46 16.64
N TYR A 219 -16.71 -7.97 15.95
CA TYR A 219 -16.73 -7.96 14.49
C TYR A 219 -15.39 -8.39 13.91
N PRO A 220 -15.03 -9.66 14.08
CA PRO A 220 -13.76 -10.20 13.59
C PRO A 220 -13.60 -10.02 12.08
N ASP A 221 -14.73 -10.02 11.37
CA ASP A 221 -14.69 -9.90 9.93
C ASP A 221 -14.73 -8.47 9.41
N ASN A 222 -14.82 -7.49 10.31
CA ASN A 222 -14.88 -6.11 9.86
C ASN A 222 -13.88 -5.18 10.52
N PHE A 223 -13.22 -5.66 11.57
CA PHE A 223 -12.27 -4.79 12.26
C PHE A 223 -10.93 -5.46 12.55
N ARG A 224 -9.86 -4.83 12.10
CA ARG A 224 -8.51 -5.32 12.36
C ARG A 224 -7.86 -4.25 13.25
N TYR A 225 -7.02 -4.68 14.19
CA TYR A 225 -6.40 -3.76 15.13
C TYR A 225 -4.97 -4.16 15.49
N ASP A 226 -4.02 -3.32 15.09
CA ASP A 226 -2.61 -3.56 15.34
C ASP A 226 -1.99 -2.40 16.11
N LYS A 227 -1.37 -2.72 17.24
CA LYS A 227 -0.74 -1.73 18.09
C LYS A 227 0.77 -1.81 17.99
N VAL A 228 1.43 -0.70 18.30
CA VAL A 228 2.89 -0.62 18.27
C VAL A 228 3.34 0.12 19.53
N LEU A 229 4.00 -0.60 20.43
CA LEU A 229 4.49 -0.01 21.67
C LEU A 229 6.01 0.22 21.48
N SER A 230 6.33 1.41 20.98
CA SER A 230 7.70 1.81 20.66
C SER A 230 8.80 1.56 21.67
N ARG A 231 8.50 1.75 22.95
CA ARG A 231 9.51 1.56 23.97
C ARG A 231 9.54 0.15 24.55
N GLU A 232 8.77 -0.76 23.96
CA GLU A 232 8.71 -2.14 24.44
C GLU A 232 8.90 -3.16 23.33
N GLN A 233 8.76 -2.72 22.08
CA GLN A 233 8.92 -3.62 20.96
C GLN A 233 10.05 -3.15 20.05
N LYS A 234 10.49 -4.03 19.16
CA LYS A 234 11.58 -3.72 18.24
C LYS A 234 11.24 -4.19 16.83
N ASN A 235 11.80 -3.50 15.83
CA ASN A 235 11.55 -3.88 14.44
C ASN A 235 12.57 -4.92 13.99
N ARG A 236 12.50 -5.31 12.73
CA ARG A 236 13.40 -6.32 12.18
C ARG A 236 14.90 -6.08 12.38
N SER A 237 15.30 -4.82 12.43
CA SER A 237 16.72 -4.51 12.59
C SER A 237 17.14 -4.18 14.02
N GLY A 238 16.24 -4.39 14.98
CA GLY A 238 16.59 -4.13 16.38
C GLY A 238 16.28 -2.75 16.93
N GLY A 239 15.79 -1.84 16.11
CA GLY A 239 15.46 -0.51 16.59
C GLY A 239 14.04 -0.46 17.13
N LYS A 240 13.66 0.66 17.73
CA LYS A 240 12.31 0.79 18.27
C LYS A 240 11.26 0.58 17.19
N MET A 241 10.14 -0.02 17.59
CA MET A 241 9.05 -0.30 16.68
C MET A 241 8.17 0.94 16.49
N TYR A 242 7.86 1.28 15.25
CA TYR A 242 6.98 2.41 14.95
C TYR A 242 5.87 1.95 14.03
N VAL A 243 4.84 2.77 13.88
CA VAL A 243 3.69 2.41 13.03
C VAL A 243 4.03 2.08 11.59
N GLN A 244 4.99 2.78 10.99
CA GLN A 244 5.34 2.46 9.61
C GLN A 244 5.91 1.04 9.55
N ASP A 245 6.55 0.62 10.64
CA ASP A 245 7.13 -0.73 10.72
C ASP A 245 6.03 -1.78 10.75
N LYS A 246 4.91 -1.44 11.38
CA LYS A 246 3.79 -2.36 11.46
C LYS A 246 3.05 -2.34 10.13
N ILE A 247 3.05 -1.18 9.49
CA ILE A 247 2.41 -1.02 8.19
C ILE A 247 3.21 -1.86 7.20
N GLU A 248 4.51 -1.93 7.43
CA GLU A 248 5.38 -2.68 6.55
C GLU A 248 5.10 -4.18 6.63
N GLU A 249 4.72 -4.66 7.82
CA GLU A 249 4.42 -6.08 8.02
C GLU A 249 3.21 -6.52 7.21
N TYR A 250 2.44 -5.56 6.70
CA TYR A 250 1.26 -5.87 5.92
C TYR A 250 1.28 -5.06 4.63
N SER A 251 2.48 -4.76 4.14
CA SER A 251 2.65 -3.97 2.93
C SER A 251 1.79 -4.42 1.74
N ASP A 252 1.98 -5.64 1.26
CA ASP A 252 1.21 -6.14 0.12
C ASP A 252 -0.29 -6.08 0.37
N GLU A 253 -0.69 -6.47 1.57
CA GLU A 253 -2.09 -6.48 1.96
C GLU A 253 -2.66 -5.06 1.91
N ILE A 254 -1.91 -4.11 2.46
CA ILE A 254 -2.35 -2.72 2.48
C ILE A 254 -2.41 -2.09 1.09
N PHE A 255 -1.44 -2.41 0.24
CA PHE A 255 -1.44 -1.84 -1.11
C PHE A 255 -2.57 -2.39 -1.95
N LYS A 256 -2.99 -3.62 -1.64
CA LYS A 256 -4.11 -4.22 -2.36
C LYS A 256 -5.32 -3.33 -2.10
N LEU A 257 -5.66 -3.20 -0.81
CA LEU A 257 -6.79 -2.39 -0.38
C LEU A 257 -6.78 -1.00 -1.03
N LEU A 258 -5.64 -0.32 -0.98
CA LEU A 258 -5.52 1.01 -1.60
C LEU A 258 -5.83 0.84 -3.09
N ASP A 259 -5.28 -0.20 -3.71
CA ASP A 259 -5.53 -0.45 -5.12
C ASP A 259 -6.99 -0.81 -5.38
N GLY A 260 -7.67 -1.30 -4.34
CA GLY A 260 -9.07 -1.67 -4.47
C GLY A 260 -10.02 -0.54 -4.11
N GLY A 261 -9.47 0.63 -3.78
CA GLY A 261 -10.30 1.78 -3.45
C GLY A 261 -10.41 2.10 -1.96
N ALA A 262 -9.48 1.60 -1.15
CA ALA A 262 -9.53 1.83 0.28
C ALA A 262 -9.08 3.24 0.69
N HIS A 263 -9.75 3.79 1.70
CA HIS A 263 -9.42 5.10 2.23
C HIS A 263 -8.35 4.94 3.29
N ILE A 264 -7.38 5.83 3.30
CA ILE A 264 -6.33 5.76 4.30
C ILE A 264 -6.23 7.10 5.00
N TYR A 265 -6.13 7.06 6.33
CA TYR A 265 -6.08 8.26 7.15
C TYR A 265 -4.88 8.30 8.06
N PHE A 266 -4.38 9.51 8.34
CA PHE A 266 -3.25 9.68 9.23
C PHE A 266 -3.58 10.80 10.19
N CYS A 267 -3.32 10.60 11.47
CA CYS A 267 -3.62 11.61 12.46
C CYS A 267 -2.73 11.53 13.69
N GLY A 268 -2.30 12.70 14.17
CA GLY A 268 -1.42 12.77 15.33
C GLY A 268 -0.40 13.86 15.11
N LEU A 269 0.65 13.90 15.92
CA LEU A 269 1.70 14.91 15.76
C LEU A 269 2.32 14.69 14.38
N LYS A 270 2.75 15.78 13.73
CA LYS A 270 3.28 15.68 12.38
C LYS A 270 4.61 14.98 12.20
N GLY A 271 5.31 14.73 13.30
CA GLY A 271 6.59 14.04 13.22
C GLY A 271 6.43 12.53 13.00
N MET A 272 5.20 12.12 12.67
CA MET A 272 4.91 10.72 12.44
C MET A 272 4.93 10.45 10.93
N MET A 273 4.71 11.50 10.14
CA MET A 273 4.66 11.37 8.68
C MET A 273 5.95 11.06 7.93
N PRO A 274 7.07 11.73 8.25
CA PRO A 274 8.32 11.45 7.53
C PRO A 274 8.63 9.95 7.43
N GLY A 275 8.62 9.27 8.58
CA GLY A 275 8.90 7.85 8.60
C GLY A 275 7.85 7.07 7.83
N ILE A 276 6.58 7.46 8.00
CA ILE A 276 5.49 6.79 7.29
C ILE A 276 5.70 6.90 5.78
N GLN A 277 5.93 8.11 5.30
CA GLN A 277 6.13 8.32 3.87
C GLN A 277 7.32 7.54 3.33
N ASP A 278 8.43 7.56 4.07
CA ASP A 278 9.60 6.83 3.61
C ASP A 278 9.31 5.34 3.44
N THR A 279 8.57 4.80 4.39
CA THR A 279 8.20 3.39 4.35
C THR A 279 7.28 3.10 3.17
N LEU A 280 6.36 4.02 2.90
CA LEU A 280 5.43 3.86 1.77
C LEU A 280 6.22 3.90 0.47
N LYS A 281 7.18 4.81 0.41
CA LYS A 281 8.03 4.99 -0.76
C LYS A 281 8.78 3.69 -1.06
N LYS A 282 9.38 3.12 -0.02
CA LYS A 282 10.12 1.88 -0.17
C LYS A 282 9.23 0.69 -0.51
N VAL A 283 7.98 0.72 -0.06
CA VAL A 283 7.05 -0.37 -0.35
C VAL A 283 6.55 -0.29 -1.78
N ALA A 284 6.32 0.93 -2.26
CA ALA A 284 5.85 1.12 -3.63
C ALA A 284 6.95 0.72 -4.61
N GLU A 285 8.20 1.02 -4.25
CA GLU A 285 9.34 0.68 -5.10
C GLU A 285 9.63 -0.81 -5.13
N ARG A 286 9.46 -1.50 -4.00
CA ARG A 286 9.69 -2.93 -3.96
C ARG A 286 8.59 -3.61 -4.79
N ARG A 287 7.64 -2.82 -5.26
CA ARG A 287 6.53 -3.32 -6.07
C ARG A 287 6.63 -2.76 -7.49
N GLY A 288 7.66 -1.95 -7.73
CA GLY A 288 7.87 -1.37 -9.04
C GLY A 288 7.03 -0.15 -9.38
N GLU A 289 6.46 0.49 -8.37
CA GLU A 289 5.64 1.67 -8.62
C GLU A 289 6.33 2.96 -8.20
N SER A 290 5.89 4.07 -8.76
CA SER A 290 6.45 5.37 -8.38
C SER A 290 5.57 5.86 -7.24
N TRP A 291 6.17 6.13 -6.10
CA TRP A 291 5.40 6.60 -4.95
C TRP A 291 4.76 7.95 -5.24
N ASP A 292 5.51 8.86 -5.85
CA ASP A 292 5.00 10.18 -6.18
C ASP A 292 3.74 10.05 -7.00
N GLN A 293 3.79 9.20 -8.02
CA GLN A 293 2.65 8.99 -8.89
C GLN A 293 1.46 8.39 -8.14
N LYS A 294 1.72 7.41 -7.29
CA LYS A 294 0.66 6.74 -6.55
C LYS A 294 0.02 7.69 -5.54
N LEU A 295 0.84 8.52 -4.91
CA LEU A 295 0.30 9.48 -3.95
C LEU A 295 -0.63 10.41 -4.69
N ALA A 296 -0.12 10.96 -5.79
CA ALA A 296 -0.89 11.87 -6.63
C ALA A 296 -2.22 11.23 -7.03
N GLN A 297 -2.19 9.93 -7.34
CA GLN A 297 -3.41 9.23 -7.75
C GLN A 297 -4.33 9.03 -6.54
N LEU A 298 -3.77 8.60 -5.42
CA LEU A 298 -4.56 8.41 -4.21
C LEU A 298 -5.28 9.72 -3.83
N LYS A 299 -4.56 10.84 -3.91
CA LYS A 299 -5.16 12.12 -3.58
C LYS A 299 -6.25 12.43 -4.59
N LYS A 300 -5.95 12.17 -5.86
CA LYS A 300 -6.91 12.39 -6.93
C LYS A 300 -8.20 11.64 -6.64
N ASN A 301 -8.06 10.40 -6.18
CA ASN A 301 -9.22 9.55 -5.87
C ASN A 301 -9.84 9.87 -4.51
N LYS A 302 -9.31 10.89 -3.83
CA LYS A 302 -9.82 11.28 -2.52
C LYS A 302 -9.72 10.14 -1.51
N GLN A 303 -8.63 9.39 -1.55
CA GLN A 303 -8.43 8.27 -0.61
C GLN A 303 -7.39 8.61 0.45
N TRP A 304 -6.69 9.71 0.24
CA TRP A 304 -5.64 10.15 1.16
C TRP A 304 -6.16 11.23 2.11
N HIS A 305 -6.13 10.94 3.40
CA HIS A 305 -6.65 11.88 4.40
C HIS A 305 -5.67 12.11 5.53
N VAL A 306 -5.13 13.31 5.61
CA VAL A 306 -4.16 13.62 6.64
C VAL A 306 -4.57 14.75 7.56
N GLU A 307 -4.39 14.52 8.85
CA GLU A 307 -4.71 15.50 9.87
C GLU A 307 -3.61 15.41 10.94
N VAL A 308 -2.45 15.97 10.63
CA VAL A 308 -1.34 15.94 11.57
C VAL A 308 -1.11 17.35 12.06
N TYR A 309 -0.39 17.52 13.16
CA TYR A 309 -0.21 18.83 13.74
C TYR A 309 0.95 18.93 14.71
N ALA B 1 -22.08 44.11 2.81
CA ALA B 1 -21.74 44.26 1.36
C ALA B 1 -21.13 42.97 0.83
N VAL B 2 -21.32 42.73 -0.46
CA VAL B 2 -20.78 41.55 -1.11
C VAL B 2 -19.75 42.01 -2.13
N TYR B 3 -18.53 41.51 -2.01
CA TYR B 3 -17.46 41.91 -2.91
C TYR B 3 -17.16 40.82 -3.93
N LYS B 4 -16.28 41.14 -4.86
CA LYS B 4 -15.88 40.18 -5.87
C LYS B 4 -14.44 39.79 -5.56
N VAL B 5 -14.22 38.50 -5.36
CA VAL B 5 -12.88 38.00 -5.06
C VAL B 5 -12.36 37.27 -6.29
N LYS B 6 -11.19 37.67 -6.75
CA LYS B 6 -10.58 37.06 -7.91
C LYS B 6 -9.33 36.33 -7.43
N LEU B 7 -9.27 35.03 -7.70
CA LEU B 7 -8.14 34.19 -7.30
C LEU B 7 -7.26 33.79 -8.47
N VAL B 8 -5.97 33.63 -8.19
CA VAL B 8 -5.00 33.25 -9.21
C VAL B 8 -4.24 32.00 -8.79
N GLY B 9 -4.45 30.93 -9.54
CA GLY B 9 -3.77 29.67 -9.23
C GLY B 9 -2.28 29.76 -9.46
N PRO B 10 -1.52 28.70 -9.11
CA PRO B 10 -0.07 28.73 -9.30
C PRO B 10 0.35 28.61 -10.77
N GLU B 11 -0.60 28.79 -11.68
CA GLU B 11 -0.31 28.70 -13.11
C GLU B 11 -1.12 29.71 -13.92
N GLY B 12 -1.62 30.74 -13.24
CA GLY B 12 -2.39 31.76 -13.93
C GLY B 12 -3.88 31.49 -14.02
N GLU B 13 -4.33 30.34 -13.52
CA GLU B 13 -5.75 30.05 -13.57
C GLU B 13 -6.43 31.05 -12.66
N GLU B 14 -7.52 31.64 -13.16
CA GLU B 14 -8.24 32.63 -12.39
C GLU B 14 -9.67 32.23 -12.12
N HIS B 15 -10.21 32.77 -11.03
CA HIS B 15 -11.59 32.50 -10.62
C HIS B 15 -12.11 33.74 -9.92
N GLU B 16 -13.23 34.26 -10.38
CA GLU B 16 -13.83 35.44 -9.79
C GLU B 16 -15.23 35.12 -9.31
N PHE B 17 -15.48 35.31 -8.02
CA PHE B 17 -16.77 34.98 -7.44
C PHE B 17 -17.22 35.97 -6.38
N ASP B 18 -18.50 35.93 -6.03
CA ASP B 18 -19.05 36.80 -5.00
C ASP B 18 -18.52 36.37 -3.63
N ALA B 19 -18.25 37.35 -2.77
CA ALA B 19 -17.75 37.05 -1.45
C ALA B 19 -18.33 38.00 -0.40
N PRO B 20 -19.37 37.56 0.32
CA PRO B 20 -19.98 38.39 1.36
C PRO B 20 -18.88 38.88 2.33
N ASP B 21 -18.99 40.10 2.83
CA ASP B 21 -17.98 40.63 3.74
C ASP B 21 -18.05 39.98 5.11
N ASP B 22 -19.01 39.07 5.28
CA ASP B 22 -19.19 38.36 6.55
C ASP B 22 -19.05 36.85 6.34
N ALA B 23 -18.38 36.48 5.25
CA ALA B 23 -18.13 35.08 4.94
C ALA B 23 -16.65 34.92 4.63
N TYR B 24 -16.06 33.81 5.07
CA TYR B 24 -14.66 33.53 4.81
C TYR B 24 -14.50 33.27 3.32
N ILE B 25 -13.40 33.77 2.76
CA ILE B 25 -13.14 33.61 1.33
C ILE B 25 -13.10 32.14 0.91
N LEU B 26 -12.53 31.28 1.74
CA LEU B 26 -12.46 29.85 1.40
C LEU B 26 -13.86 29.30 1.15
N ASP B 27 -14.81 29.70 1.99
CA ASP B 27 -16.18 29.23 1.87
C ASP B 27 -16.89 29.86 0.67
N ALA B 28 -16.58 31.13 0.40
CA ALA B 28 -17.19 31.83 -0.72
C ALA B 28 -16.71 31.22 -2.01
N ALA B 29 -15.45 30.80 -2.03
CA ALA B 29 -14.87 30.18 -3.21
C ALA B 29 -15.47 28.80 -3.47
N GLU B 30 -15.60 28.00 -2.41
CA GLU B 30 -16.16 26.65 -2.55
C GLU B 30 -17.62 26.68 -2.97
N THR B 31 -18.32 27.72 -2.54
CA THR B 31 -19.72 27.91 -2.89
C THR B 31 -19.81 28.02 -4.41
N ALA B 32 -18.85 28.75 -4.99
CA ALA B 32 -18.81 28.97 -6.43
C ALA B 32 -18.10 27.86 -7.19
N GLY B 33 -17.98 26.69 -6.57
CA GLY B 33 -17.33 25.56 -7.22
C GLY B 33 -15.83 25.70 -7.45
N VAL B 34 -15.14 26.37 -6.53
CA VAL B 34 -13.69 26.55 -6.65
C VAL B 34 -12.96 25.75 -5.58
N GLU B 35 -12.11 24.82 -6.00
CA GLU B 35 -11.38 24.00 -5.04
C GLU B 35 -10.07 24.64 -4.60
N LEU B 36 -9.95 24.85 -3.29
CA LEU B 36 -8.74 25.45 -2.74
C LEU B 36 -8.14 24.53 -1.70
N PRO B 37 -6.82 24.66 -1.47
CA PRO B 37 -6.11 23.84 -0.49
C PRO B 37 -6.42 24.26 0.94
N TYR B 38 -6.62 23.27 1.81
CA TYR B 38 -6.91 23.55 3.22
C TYR B 38 -6.59 22.34 4.08
N SER B 39 -6.46 22.60 5.37
CA SER B 39 -6.18 21.55 6.35
C SER B 39 -7.08 21.73 7.58
N CYS B 40 -6.61 22.48 8.58
CA CYS B 40 -7.40 22.69 9.80
C CYS B 40 -8.70 23.44 9.55
N ARG B 41 -8.68 24.39 8.61
CA ARG B 41 -9.86 25.18 8.29
C ARG B 41 -10.24 26.11 9.45
N ALA B 42 -9.30 26.32 10.38
CA ALA B 42 -9.58 27.16 11.53
C ALA B 42 -8.47 28.14 11.86
N GLY B 43 -7.69 28.52 10.85
CA GLY B 43 -6.61 29.46 11.06
C GLY B 43 -5.49 29.02 11.99
N ALA B 44 -5.19 27.72 11.99
CA ALA B 44 -4.13 27.21 12.86
C ALA B 44 -2.90 26.73 12.10
N CYS B 45 -2.96 26.69 10.77
CA CYS B 45 -1.80 26.24 10.01
C CYS B 45 -1.55 27.16 8.82
N SER B 46 -0.88 26.65 7.79
CA SER B 46 -0.57 27.47 6.61
C SER B 46 -1.04 26.86 5.29
N THR B 47 -1.62 25.67 5.36
CA THR B 47 -2.10 24.98 4.17
C THR B 47 -2.94 25.81 3.20
N CYS B 48 -3.75 26.70 3.74
CA CYS B 48 -4.62 27.55 2.92
C CYS B 48 -3.96 28.89 2.57
N ALA B 49 -2.69 29.05 2.96
CA ALA B 49 -1.96 30.29 2.71
C ALA B 49 -2.21 30.89 1.32
N GLY B 50 -2.35 32.21 1.30
CA GLY B 50 -2.57 32.93 0.06
C GLY B 50 -1.85 34.27 0.16
N LYS B 51 -1.76 35.01 -0.94
CA LYS B 51 -1.10 36.29 -0.86
C LYS B 51 -1.83 37.37 -1.64
N ILE B 52 -2.21 38.43 -0.93
CA ILE B 52 -2.93 39.56 -1.50
C ILE B 52 -2.16 40.25 -2.63
N GLU B 53 -2.90 40.68 -3.66
CA GLU B 53 -2.33 41.43 -4.78
C GLU B 53 -2.93 42.82 -4.61
N SER B 54 -4.24 42.83 -4.37
CA SER B 54 -4.97 44.08 -4.16
C SER B 54 -6.16 43.80 -3.24
N GLY B 55 -6.55 44.81 -2.47
CA GLY B 55 -7.66 44.65 -1.55
C GLY B 55 -7.17 44.36 -0.14
N SER B 56 -8.08 43.97 0.73
CA SER B 56 -7.73 43.69 2.11
C SER B 56 -8.75 42.77 2.74
N VAL B 57 -8.33 42.08 3.79
CA VAL B 57 -9.21 41.15 4.49
C VAL B 57 -9.02 41.24 5.99
N ASP B 58 -9.99 40.69 6.72
CA ASP B 58 -9.91 40.61 8.17
C ASP B 58 -9.75 39.13 8.47
N GLN B 59 -8.55 38.75 8.90
CA GLN B 59 -8.24 37.37 9.25
C GLN B 59 -7.85 37.28 10.71
N SER B 60 -8.40 38.18 11.53
CA SER B 60 -8.07 38.19 12.95
C SER B 60 -8.51 36.89 13.63
N ASP B 61 -9.47 36.20 13.03
CA ASP B 61 -9.92 34.92 13.58
C ASP B 61 -8.82 33.87 13.44
N GLY B 62 -7.72 34.25 12.79
CA GLY B 62 -6.61 33.32 12.61
C GLY B 62 -5.44 33.67 13.50
N SER B 63 -4.56 32.70 13.77
CA SER B 63 -3.43 32.95 14.64
C SER B 63 -2.13 32.32 14.17
N PHE B 64 -2.14 31.68 13.00
CA PHE B 64 -0.91 31.04 12.56
C PHE B 64 0.13 32.02 12.02
N LEU B 65 -0.28 32.98 11.21
CA LEU B 65 0.64 33.95 10.63
C LEU B 65 1.02 35.07 11.60
N ASP B 66 2.30 35.45 11.60
CA ASP B 66 2.75 36.54 12.46
C ASP B 66 2.54 37.88 11.73
N ASP B 67 2.70 38.97 12.47
CA ASP B 67 2.51 40.31 11.92
C ASP B 67 3.32 40.50 10.65
N GLY B 68 4.58 40.11 10.69
CA GLY B 68 5.44 40.24 9.52
C GLY B 68 4.90 39.56 8.28
N GLN B 69 4.45 38.31 8.44
CA GLN B 69 3.91 37.56 7.31
C GLN B 69 2.65 38.25 6.79
N GLN B 70 1.87 38.79 7.72
CA GLN B 70 0.65 39.47 7.34
C GLN B 70 0.97 40.84 6.71
N GLU B 71 2.08 41.44 7.13
CA GLU B 71 2.49 42.73 6.58
C GLU B 71 2.79 42.55 5.09
N GLU B 72 3.45 41.44 4.76
CA GLU B 72 3.83 41.14 3.38
C GLU B 72 2.67 40.82 2.45
N GLY B 73 1.49 40.57 3.02
CA GLY B 73 0.33 40.27 2.19
C GLY B 73 -0.22 38.86 2.33
N TYR B 74 0.39 38.06 3.20
CA TYR B 74 -0.05 36.70 3.40
C TYR B 74 -1.33 36.62 4.24
N VAL B 75 -2.28 35.82 3.76
CA VAL B 75 -3.56 35.62 4.43
C VAL B 75 -4.00 34.17 4.47
N LEU B 76 -4.65 33.77 5.55
CA LEU B 76 -5.17 32.41 5.72
C LEU B 76 -6.60 32.49 5.19
N THR B 77 -6.77 32.06 3.94
CA THR B 77 -8.06 32.12 3.28
C THR B 77 -9.24 31.45 3.98
N CYS B 78 -8.97 30.51 4.89
CA CYS B 78 -10.07 29.83 5.58
C CYS B 78 -10.66 30.71 6.69
N VAL B 79 -9.94 31.74 7.10
CA VAL B 79 -10.44 32.63 8.14
C VAL B 79 -10.36 34.09 7.70
N SER B 80 -10.39 34.33 6.40
CA SER B 80 -10.30 35.70 5.89
C SER B 80 -11.64 36.25 5.39
N TYR B 81 -11.99 37.45 5.86
CA TYR B 81 -13.22 38.12 5.43
C TYR B 81 -12.78 39.19 4.44
N PRO B 82 -13.38 39.21 3.24
CA PRO B 82 -12.96 40.26 2.29
C PRO B 82 -13.50 41.59 2.79
N LYS B 83 -12.65 42.61 2.77
CA LYS B 83 -13.05 43.93 3.22
C LYS B 83 -13.30 44.82 2.01
N SER B 84 -13.02 44.27 0.83
CA SER B 84 -13.20 44.98 -0.43
C SER B 84 -12.88 43.99 -1.53
N ASP B 85 -12.97 44.43 -2.78
CA ASP B 85 -12.63 43.58 -3.90
C ASP B 85 -11.17 43.25 -3.67
N CYS B 86 -10.76 42.04 -4.02
CA CYS B 86 -9.36 41.64 -3.84
C CYS B 86 -8.91 40.74 -4.99
N VAL B 87 -7.60 40.57 -5.09
CA VAL B 87 -6.99 39.70 -6.07
C VAL B 87 -6.04 38.92 -5.18
N ILE B 88 -6.28 37.63 -5.05
CA ILE B 88 -5.43 36.82 -4.19
C ILE B 88 -4.81 35.62 -4.90
N HIS B 89 -3.52 35.41 -4.67
CA HIS B 89 -2.84 34.28 -5.27
C HIS B 89 -2.87 33.12 -4.27
N THR B 90 -3.36 31.98 -4.74
CA THR B 90 -3.51 30.79 -3.93
C THR B 90 -2.27 29.92 -3.85
N HIS B 91 -2.37 28.87 -3.03
CA HIS B 91 -1.28 27.91 -2.84
C HIS B 91 0.05 28.55 -2.49
N LYS B 92 0.06 29.49 -1.54
CA LYS B 92 1.30 30.13 -1.18
C LYS B 92 1.98 29.50 0.03
N GLU B 93 1.42 28.38 0.50
CA GLU B 93 1.99 27.70 1.65
C GLU B 93 3.48 27.46 1.49
N GLY B 94 3.89 27.18 0.26
CA GLY B 94 5.30 26.94 -0.02
C GLY B 94 6.25 28.08 0.28
N ASP B 95 5.73 29.32 0.37
CA ASP B 95 6.59 30.46 0.66
C ASP B 95 6.82 30.68 2.16
N LEU B 96 6.01 30.04 2.98
CA LEU B 96 6.09 30.22 4.43
C LEU B 96 7.06 29.29 5.17
N TYR B 97 7.85 29.87 6.07
CA TYR B 97 8.82 29.09 6.84
C TYR B 97 9.09 29.74 8.19
N SER C 1 35.63 -20.52 -19.37
CA SER C 1 35.33 -19.19 -18.76
C SER C 1 33.97 -18.67 -19.23
N LYS C 2 33.17 -18.18 -18.30
CA LYS C 2 31.86 -17.65 -18.59
C LYS C 2 31.88 -16.63 -19.74
N VAL C 3 30.75 -16.51 -20.43
CA VAL C 3 30.59 -15.60 -21.55
C VAL C 3 30.42 -14.16 -21.09
N SER C 4 31.05 -13.23 -21.82
CA SER C 4 30.96 -11.81 -21.50
C SER C 4 29.60 -11.26 -21.90
N VAL C 5 28.90 -10.67 -20.95
CA VAL C 5 27.59 -10.10 -21.20
C VAL C 5 27.69 -8.59 -21.02
N ALA C 6 26.75 -7.86 -21.62
CA ALA C 6 26.74 -6.42 -21.54
C ALA C 6 25.30 -5.96 -21.75
N PRO C 7 24.92 -4.80 -21.17
CA PRO C 7 25.73 -3.90 -20.35
C PRO C 7 25.63 -4.20 -18.86
N LEU C 8 26.73 -4.03 -18.15
CA LEU C 8 26.75 -4.31 -16.72
C LEU C 8 25.83 -3.45 -15.86
N HIS C 9 25.34 -2.33 -16.39
CA HIS C 9 24.46 -1.50 -15.56
C HIS C 9 23.12 -2.19 -15.27
N LEU C 10 22.90 -3.36 -15.86
CA LEU C 10 21.66 -4.10 -15.62
C LEU C 10 21.70 -4.68 -14.19
N GLU C 11 22.88 -4.67 -13.57
CA GLU C 11 23.02 -5.18 -12.21
C GLU C 11 22.78 -4.08 -11.16
N SER C 12 22.62 -2.84 -11.61
CA SER C 12 22.42 -1.70 -10.71
C SER C 12 21.10 -1.63 -9.98
N ALA C 13 19.99 -1.73 -10.70
CA ALA C 13 18.67 -1.67 -10.10
C ALA C 13 18.63 -2.50 -8.83
N LYS C 14 18.12 -1.90 -7.75
CA LYS C 14 18.01 -2.58 -6.47
C LYS C 14 16.67 -3.32 -6.37
N GLU C 15 15.72 -2.90 -7.19
CA GLU C 15 14.40 -3.52 -7.21
C GLU C 15 14.11 -4.01 -8.61
N PRO C 16 13.33 -5.08 -8.74
CA PRO C 16 12.98 -5.63 -10.05
C PRO C 16 12.01 -4.72 -10.79
N PRO C 17 12.13 -4.63 -12.12
CA PRO C 17 11.21 -3.78 -12.86
C PRO C 17 9.83 -4.44 -12.91
N LEU C 18 8.77 -3.65 -12.77
CA LEU C 18 7.42 -4.21 -12.78
C LEU C 18 6.42 -3.31 -13.49
N ASN C 19 5.85 -3.85 -14.57
CA ASN C 19 4.85 -3.14 -15.35
C ASN C 19 5.35 -1.90 -16.06
N THR C 20 6.61 -1.95 -16.47
CA THR C 20 7.21 -0.86 -17.21
C THR C 20 6.25 -0.47 -18.33
N TYR C 21 5.49 -1.45 -18.81
CA TYR C 21 4.50 -1.24 -19.86
C TYR C 21 3.21 -1.97 -19.55
N LYS C 22 2.10 -1.28 -19.70
CA LYS C 22 0.81 -1.87 -19.41
C LYS C 22 -0.02 -2.07 -20.67
N PRO C 23 -1.09 -2.88 -20.58
CA PRO C 23 -1.97 -3.16 -21.72
C PRO C 23 -2.54 -1.93 -22.43
N LYS C 24 -2.73 -0.83 -21.70
CA LYS C 24 -3.27 0.39 -22.30
C LYS C 24 -2.35 0.90 -23.42
N GLU C 25 -1.05 0.70 -23.26
CA GLU C 25 -0.10 1.11 -24.29
C GLU C 25 1.18 0.29 -24.13
N PRO C 26 1.19 -0.92 -24.68
CA PRO C 26 2.32 -1.83 -24.62
C PRO C 26 3.48 -1.36 -25.47
N PHE C 27 4.61 -2.03 -25.30
CA PHE C 27 5.81 -1.70 -26.06
C PHE C 27 5.81 -2.51 -27.35
N THR C 28 5.96 -1.83 -28.49
CA THR C 28 5.98 -2.54 -29.78
C THR C 28 7.36 -3.16 -30.00
N ALA C 29 7.47 -4.46 -29.74
CA ALA C 29 8.72 -5.18 -29.90
C ALA C 29 8.82 -5.85 -31.27
N THR C 30 10.00 -6.36 -31.59
CA THR C 30 10.23 -6.99 -32.88
C THR C 30 10.79 -8.40 -32.79
N ILE C 31 10.19 -9.30 -33.57
CA ILE C 31 10.60 -10.69 -33.60
C ILE C 31 11.96 -10.79 -34.28
N VAL C 32 12.90 -11.44 -33.61
CA VAL C 32 14.24 -11.65 -34.14
C VAL C 32 14.28 -13.02 -34.80
N SER C 33 13.82 -14.04 -34.07
CA SER C 33 13.78 -15.39 -34.60
C SER C 33 12.74 -16.25 -33.89
N VAL C 34 12.37 -17.34 -34.55
CA VAL C 34 11.43 -18.31 -34.02
C VAL C 34 11.90 -19.66 -34.51
N GLU C 35 12.11 -20.60 -33.60
CA GLU C 35 12.57 -21.93 -33.97
C GLU C 35 11.86 -22.98 -33.13
N SER C 36 11.74 -24.18 -33.69
CA SER C 36 11.10 -25.26 -32.97
C SER C 36 12.14 -25.86 -32.05
N LEU C 37 11.72 -26.24 -30.84
CA LEU C 37 12.64 -26.84 -29.87
C LEU C 37 12.41 -28.33 -29.75
N VAL C 38 11.39 -28.84 -30.43
CA VAL C 38 11.06 -30.26 -30.32
C VAL C 38 11.18 -31.07 -31.61
N GLY C 39 11.24 -32.39 -31.44
CA GLY C 39 11.35 -33.30 -32.57
C GLY C 39 10.00 -33.74 -33.11
N PRO C 40 9.99 -34.56 -34.18
CA PRO C 40 8.78 -35.07 -34.82
C PRO C 40 7.74 -35.73 -33.91
N LYS C 41 8.22 -36.55 -32.98
CA LYS C 41 7.35 -37.28 -32.07
C LYS C 41 6.70 -36.52 -30.93
N ALA C 42 7.04 -35.25 -30.77
CA ALA C 42 6.44 -34.48 -29.68
C ALA C 42 4.94 -34.29 -29.94
N PRO C 43 4.11 -34.38 -28.89
CA PRO C 43 2.66 -34.23 -28.98
C PRO C 43 2.25 -32.95 -29.71
N GLY C 44 3.01 -31.89 -29.48
CA GLY C 44 2.73 -30.63 -30.14
C GLY C 44 4.04 -29.90 -30.33
N GLU C 45 3.97 -28.64 -30.75
CA GLU C 45 5.18 -27.88 -30.95
C GLU C 45 5.39 -26.85 -29.85
N THR C 46 6.63 -26.75 -29.39
CA THR C 46 7.03 -25.78 -28.39
C THR C 46 8.13 -25.03 -29.14
N CYS C 47 8.01 -23.71 -29.20
CA CYS C 47 8.98 -22.94 -29.97
C CYS C 47 9.76 -21.93 -29.14
N HIS C 48 10.96 -21.60 -29.60
CA HIS C 48 11.79 -20.62 -28.90
C HIS C 48 11.72 -19.30 -29.65
N ILE C 49 11.25 -18.27 -28.96
CA ILE C 49 11.09 -16.97 -29.59
C ILE C 49 12.00 -15.89 -29.00
N VAL C 50 12.90 -15.36 -29.83
CA VAL C 50 13.79 -14.30 -29.38
C VAL C 50 13.17 -12.98 -29.81
N ILE C 51 12.90 -12.12 -28.82
CA ILE C 51 12.27 -10.83 -29.06
C ILE C 51 13.23 -9.68 -28.79
N ASP C 52 13.24 -8.70 -29.68
CA ASP C 52 14.11 -7.54 -29.49
C ASP C 52 13.30 -6.40 -28.87
N HIS C 53 13.63 -6.04 -27.64
CA HIS C 53 12.92 -4.96 -26.96
C HIS C 53 13.80 -3.72 -26.91
N GLY C 54 14.99 -3.83 -27.51
CA GLY C 54 15.92 -2.72 -27.58
C GLY C 54 16.49 -2.25 -26.25
N GLY C 55 16.08 -2.90 -25.17
CA GLY C 55 16.58 -2.51 -23.86
C GLY C 55 15.57 -1.61 -23.18
N ASN C 56 14.41 -1.49 -23.82
CA ASN C 56 13.33 -0.65 -23.30
C ASN C 56 12.48 -1.40 -22.27
N VAL C 57 12.65 -2.71 -22.20
CA VAL C 57 11.88 -3.50 -21.27
C VAL C 57 12.74 -4.51 -20.52
N PRO C 58 13.74 -4.03 -19.75
CA PRO C 58 14.63 -4.89 -18.97
C PRO C 58 13.85 -5.66 -17.92
N TYR C 59 14.42 -6.77 -17.46
CA TYR C 59 13.74 -7.60 -16.49
C TYR C 59 14.74 -8.43 -15.70
N TRP C 60 14.25 -9.15 -14.69
CA TRP C 60 15.10 -10.00 -13.90
C TRP C 60 14.71 -11.43 -14.17
N GLU C 61 15.64 -12.37 -13.94
CA GLU C 61 15.34 -13.77 -14.18
C GLU C 61 14.11 -14.20 -13.37
N GLY C 62 13.26 -15.03 -13.98
CA GLY C 62 12.07 -15.52 -13.31
C GLY C 62 10.80 -14.71 -13.55
N GLN C 63 10.93 -13.56 -14.20
CA GLN C 63 9.79 -12.71 -14.50
C GLN C 63 9.07 -13.13 -15.78
N SER C 64 7.93 -12.51 -16.04
CA SER C 64 7.17 -12.84 -17.24
C SER C 64 7.00 -11.61 -18.11
N TYR C 65 6.72 -11.86 -19.39
CA TYR C 65 6.48 -10.82 -20.36
C TYR C 65 5.02 -10.98 -20.70
N GLY C 66 4.35 -9.87 -20.99
CA GLY C 66 2.96 -9.96 -21.37
C GLY C 66 2.88 -9.74 -22.87
N VAL C 67 2.13 -10.60 -23.56
CA VAL C 67 1.97 -10.47 -25.00
C VAL C 67 0.48 -10.30 -25.28
N ILE C 68 0.16 -9.38 -26.20
CA ILE C 68 -1.21 -9.11 -26.58
C ILE C 68 -1.36 -9.44 -28.05
N PRO C 69 -2.06 -10.52 -28.36
CA PRO C 69 -2.25 -10.93 -29.75
C PRO C 69 -3.22 -10.03 -30.49
N PRO C 70 -3.08 -9.95 -31.82
CA PRO C 70 -3.97 -9.10 -32.62
C PRO C 70 -5.43 -9.53 -32.54
N GLY C 71 -6.30 -8.73 -33.15
CA GLY C 71 -7.72 -9.04 -33.15
C GLY C 71 -8.45 -8.46 -31.96
N GLU C 72 -9.78 -8.58 -31.95
CA GLU C 72 -10.58 -8.07 -30.85
C GLU C 72 -10.87 -9.18 -29.85
N ASN C 73 -11.30 -8.80 -28.65
CA ASN C 73 -11.63 -9.78 -27.63
C ASN C 73 -12.87 -10.51 -28.12
N PRO C 74 -12.74 -11.80 -28.44
CA PRO C 74 -13.91 -12.55 -28.93
C PRO C 74 -15.02 -12.58 -27.87
N LYS C 75 -14.63 -12.65 -26.60
CA LYS C 75 -15.59 -12.65 -25.50
C LYS C 75 -16.09 -11.24 -25.18
N LYS C 76 -15.48 -10.23 -25.77
CA LYS C 76 -15.89 -8.84 -25.53
C LYS C 76 -15.60 -8.00 -26.77
N PRO C 77 -16.48 -8.09 -27.78
CA PRO C 77 -16.28 -7.32 -29.01
C PRO C 77 -16.00 -5.84 -28.75
N GLY C 78 -15.10 -5.27 -29.55
CA GLY C 78 -14.75 -3.87 -29.39
C GLY C 78 -13.50 -3.69 -28.57
N ALA C 79 -13.22 -4.67 -27.73
CA ALA C 79 -12.05 -4.65 -26.86
C ALA C 79 -10.89 -5.45 -27.45
N PRO C 80 -9.64 -5.07 -27.12
CA PRO C 80 -8.46 -5.78 -27.63
C PRO C 80 -8.33 -7.11 -26.90
N GLN C 81 -7.46 -7.98 -27.38
CA GLN C 81 -7.25 -9.28 -26.76
C GLN C 81 -6.71 -9.12 -25.34
N ASN C 82 -6.97 -10.12 -24.50
CA ASN C 82 -6.47 -10.10 -23.13
C ASN C 82 -5.00 -10.48 -23.17
N VAL C 83 -4.24 -9.94 -22.24
CA VAL C 83 -2.82 -10.24 -22.15
C VAL C 83 -2.59 -11.72 -21.82
N ARG C 84 -1.55 -12.28 -22.40
CA ARG C 84 -1.16 -13.66 -22.12
C ARG C 84 0.25 -13.53 -21.57
N LEU C 85 0.51 -14.19 -20.45
CA LEU C 85 1.82 -14.13 -19.85
C LEU C 85 2.68 -15.28 -20.32
N TYR C 86 4.00 -15.09 -20.31
CA TYR C 86 4.94 -16.11 -20.74
C TYR C 86 6.26 -15.96 -19.97
N SER C 87 6.61 -17.00 -19.22
CA SER C 87 7.85 -16.97 -18.46
C SER C 87 9.02 -16.70 -19.41
N ILE C 88 9.86 -15.74 -19.03
CA ILE C 88 11.01 -15.38 -19.84
C ILE C 88 12.02 -16.49 -19.62
N ALA C 89 12.44 -17.11 -20.72
CA ALA C 89 13.38 -18.24 -20.67
C ALA C 89 14.83 -17.83 -20.83
N SER C 90 15.07 -16.51 -20.77
CA SER C 90 16.42 -15.98 -20.93
C SER C 90 16.88 -15.16 -19.73
N THR C 91 18.17 -14.83 -19.72
CA THR C 91 18.72 -14.02 -18.65
C THR C 91 18.43 -12.56 -18.97
N ARG C 92 18.75 -11.68 -18.03
CA ARG C 92 18.52 -10.26 -18.23
C ARG C 92 19.32 -9.77 -19.43
N TYR C 93 20.34 -10.52 -19.82
CA TYR C 93 21.17 -10.14 -20.96
C TYR C 93 20.64 -10.71 -22.27
N GLY C 94 19.84 -11.76 -22.18
CA GLY C 94 19.29 -12.36 -23.38
C GLY C 94 20.28 -13.23 -24.12
N ASP C 95 19.78 -13.96 -25.10
CA ASP C 95 20.58 -14.88 -25.89
C ASP C 95 21.74 -14.28 -26.68
N ASN C 96 21.68 -12.97 -26.93
CA ASN C 96 22.73 -12.29 -27.68
C ASN C 96 23.71 -11.61 -26.72
N PHE C 97 23.48 -11.81 -25.44
CA PHE C 97 24.33 -11.27 -24.38
C PHE C 97 24.52 -9.76 -24.48
N ASP C 98 23.51 -9.05 -24.97
CA ASP C 98 23.62 -7.61 -25.12
C ASP C 98 22.49 -6.81 -24.47
N GLY C 99 21.64 -7.48 -23.71
CA GLY C 99 20.54 -6.81 -23.04
C GLY C 99 19.51 -6.19 -23.98
N ARG C 100 19.53 -6.59 -25.25
CA ARG C 100 18.58 -6.03 -26.21
C ARG C 100 17.41 -6.97 -26.49
N THR C 101 17.54 -8.24 -26.12
CA THR C 101 16.50 -9.22 -26.38
C THR C 101 16.12 -10.08 -25.19
N GLY C 102 14.95 -10.71 -25.29
CA GLY C 102 14.44 -11.60 -24.26
C GLY C 102 13.83 -12.76 -25.03
N SER C 103 13.72 -13.93 -24.40
CA SER C 103 13.16 -15.08 -25.09
C SER C 103 12.01 -15.76 -24.36
N LEU C 104 11.14 -16.38 -25.14
CA LEU C 104 9.99 -17.11 -24.61
C LEU C 104 10.02 -18.55 -25.12
N CYS C 105 9.39 -19.42 -24.34
CA CYS C 105 9.29 -20.84 -24.63
C CYS C 105 7.78 -21.08 -24.68
N VAL C 106 7.24 -21.13 -25.90
CA VAL C 106 5.81 -21.27 -26.11
C VAL C 106 5.32 -22.59 -26.72
N ARG C 107 4.31 -23.19 -26.09
CA ARG C 107 3.71 -24.43 -26.56
C ARG C 107 2.47 -24.13 -27.40
N ARG C 108 2.47 -24.52 -28.67
CA ARG C 108 1.31 -24.28 -29.51
C ARG C 108 0.10 -24.98 -28.88
N ALA C 109 -0.97 -24.22 -28.65
CA ALA C 109 -2.18 -24.80 -28.08
C ALA C 109 -3.08 -25.07 -29.29
N VAL C 110 -3.22 -26.35 -29.63
CA VAL C 110 -4.01 -26.73 -30.80
C VAL C 110 -5.19 -27.62 -30.42
N TYR C 111 -6.31 -27.41 -31.10
CA TYR C 111 -7.51 -28.20 -30.84
C TYR C 111 -7.68 -29.38 -31.79
N TYR C 112 -8.08 -30.52 -31.22
CA TYR C 112 -8.34 -31.74 -32.00
C TYR C 112 -9.58 -32.38 -31.43
N ASP C 113 -10.52 -32.74 -32.30
CA ASP C 113 -11.77 -33.37 -31.86
C ASP C 113 -11.42 -34.57 -30.98
N PRO C 114 -11.97 -34.63 -29.76
CA PRO C 114 -11.69 -35.75 -28.86
C PRO C 114 -12.08 -37.12 -29.44
N GLU C 115 -12.81 -37.11 -30.55
CA GLU C 115 -13.22 -38.38 -31.18
C GLU C 115 -12.49 -38.62 -32.52
N THR C 116 -12.80 -37.81 -33.52
CA THR C 116 -12.18 -37.94 -34.84
C THR C 116 -10.76 -37.40 -34.89
N GLY C 117 -10.37 -36.62 -33.88
CA GLY C 117 -9.04 -36.05 -33.86
C GLY C 117 -8.92 -34.94 -34.88
N LYS C 118 -9.98 -34.74 -35.66
CA LYS C 118 -9.98 -33.71 -36.68
C LYS C 118 -9.62 -32.38 -36.05
N GLU C 119 -8.71 -31.66 -36.70
CA GLU C 119 -8.25 -30.37 -36.21
C GLU C 119 -9.32 -29.32 -36.48
N ASP C 120 -9.17 -28.17 -35.83
CA ASP C 120 -10.12 -27.09 -36.02
C ASP C 120 -9.29 -25.82 -35.81
N PRO C 121 -9.26 -24.92 -36.81
CA PRO C 121 -8.52 -23.67 -36.74
C PRO C 121 -9.08 -22.67 -35.75
N SER C 122 -10.39 -22.45 -35.85
CA SER C 122 -11.12 -21.52 -35.00
C SER C 122 -11.07 -21.82 -33.50
N LYS C 123 -10.44 -22.92 -33.11
CA LYS C 123 -10.39 -23.30 -31.70
C LYS C 123 -9.00 -23.47 -31.09
N ASN C 124 -7.98 -22.96 -31.77
CA ASN C 124 -6.63 -23.07 -31.25
C ASN C 124 -6.35 -21.88 -30.34
N GLY C 125 -5.33 -21.99 -29.50
CA GLY C 125 -4.98 -20.89 -28.63
C GLY C 125 -4.56 -19.76 -29.54
N VAL C 126 -5.01 -18.54 -29.26
CA VAL C 126 -4.66 -17.42 -30.13
C VAL C 126 -3.22 -16.95 -30.04
N CYS C 127 -2.79 -16.53 -28.86
CA CYS C 127 -1.44 -16.01 -28.66
C CYS C 127 -0.29 -17.04 -28.80
N SER C 128 -0.52 -18.28 -28.39
CA SER C 128 0.53 -19.29 -28.49
C SER C 128 0.87 -19.55 -29.96
N ASN C 129 -0.16 -19.67 -30.81
CA ASN C 129 0.06 -19.90 -32.24
C ASN C 129 0.60 -18.66 -32.91
N PHE C 130 0.05 -17.50 -32.54
CA PHE C 130 0.50 -16.23 -33.07
C PHE C 130 2.01 -16.18 -32.92
N LEU C 131 2.49 -16.45 -31.71
CA LEU C 131 3.90 -16.46 -31.41
C LEU C 131 4.72 -17.46 -32.22
N CYS C 132 4.37 -18.74 -32.16
CA CYS C 132 5.12 -19.75 -32.91
C CYS C 132 5.01 -19.56 -34.43
N ASN C 133 3.99 -18.84 -34.88
CA ASN C 133 3.80 -18.57 -36.32
C ASN C 133 4.56 -17.33 -36.77
N SER C 134 5.26 -16.67 -35.83
CA SER C 134 5.98 -15.45 -36.17
C SER C 134 7.26 -15.65 -36.96
N LYS C 135 7.70 -14.58 -37.61
CA LYS C 135 8.91 -14.58 -38.42
C LYS C 135 9.70 -13.31 -38.11
N PRO C 136 11.00 -13.30 -38.44
CA PRO C 136 11.84 -12.13 -38.20
C PRO C 136 11.20 -10.86 -38.78
N GLY C 137 11.10 -9.81 -37.96
CA GLY C 137 10.52 -8.58 -38.44
C GLY C 137 9.12 -8.32 -37.91
N ASP C 138 8.36 -9.38 -37.67
CA ASP C 138 7.01 -9.25 -37.15
C ASP C 138 7.04 -8.39 -35.88
N LYS C 139 5.97 -7.64 -35.65
CA LYS C 139 5.88 -6.80 -34.48
C LYS C 139 4.99 -7.46 -33.44
N ILE C 140 5.36 -7.30 -32.18
CA ILE C 140 4.63 -7.89 -31.09
C ILE C 140 4.44 -6.87 -29.98
N GLN C 141 3.21 -6.78 -29.49
CA GLN C 141 2.86 -5.86 -28.40
C GLN C 141 3.24 -6.52 -27.09
N LEU C 142 4.20 -5.93 -26.41
CA LEU C 142 4.70 -6.46 -25.15
C LEU C 142 4.26 -5.63 -23.95
N THR C 143 3.99 -6.30 -22.84
CA THR C 143 3.63 -5.63 -21.59
C THR C 143 4.48 -6.26 -20.50
N GLY C 144 4.50 -5.65 -19.31
CA GLY C 144 5.29 -6.18 -18.21
C GLY C 144 6.59 -5.42 -18.01
N PRO C 145 7.61 -6.04 -17.41
CA PRO C 145 7.55 -7.43 -16.94
C PRO C 145 6.67 -7.51 -15.70
N SER C 146 6.24 -8.72 -15.34
CA SER C 146 5.40 -8.89 -14.17
C SER C 146 5.82 -10.12 -13.39
N GLY C 147 5.36 -10.19 -12.13
CA GLY C 147 5.69 -11.33 -11.28
C GLY C 147 6.92 -11.17 -10.39
N LYS C 148 6.81 -11.63 -9.15
CA LYS C 148 7.91 -11.55 -8.19
C LYS C 148 8.18 -12.90 -7.54
N ILE C 149 7.23 -13.82 -7.70
CA ILE C 149 7.32 -15.16 -7.12
C ILE C 149 8.56 -15.96 -7.51
N MET C 150 8.97 -15.85 -8.77
CA MET C 150 10.12 -16.61 -9.24
C MET C 150 11.44 -15.85 -9.35
N LEU C 151 11.58 -14.73 -8.64
CA LEU C 151 12.86 -14.02 -8.69
C LEU C 151 13.89 -14.92 -8.01
N LEU C 152 15.15 -14.83 -8.45
CA LEU C 152 16.19 -15.67 -7.87
C LEU C 152 16.82 -15.08 -6.62
N PRO C 153 16.73 -15.81 -5.49
CA PRO C 153 17.29 -15.37 -4.21
C PRO C 153 18.80 -15.36 -4.35
N GLU C 154 19.38 -14.17 -4.43
CA GLU C 154 20.81 -14.05 -4.59
C GLU C 154 21.55 -13.60 -3.34
N GLU C 155 20.82 -13.44 -2.23
CA GLU C 155 21.46 -13.01 -0.98
C GLU C 155 22.63 -13.93 -0.66
N ASP C 156 22.40 -15.21 -0.86
CA ASP C 156 23.39 -16.25 -0.60
C ASP C 156 23.80 -16.96 -1.91
N PRO C 157 25.01 -16.68 -2.41
CA PRO C 157 25.55 -17.28 -3.64
C PRO C 157 25.83 -18.77 -3.57
N ASN C 158 25.70 -19.35 -2.37
CA ASN C 158 25.93 -20.77 -2.20
C ASN C 158 24.67 -21.48 -1.72
N ALA C 159 23.52 -20.91 -2.06
CA ALA C 159 22.25 -21.51 -1.69
C ALA C 159 22.06 -22.72 -2.58
N THR C 160 21.04 -23.49 -2.27
CA THR C 160 20.72 -24.67 -3.05
C THR C 160 19.37 -24.35 -3.66
N HIS C 161 19.21 -24.74 -4.92
CA HIS C 161 17.97 -24.49 -5.63
C HIS C 161 17.47 -25.76 -6.33
N ILE C 162 16.35 -26.27 -5.86
CA ILE C 162 15.76 -27.45 -6.46
C ILE C 162 14.70 -26.91 -7.41
N MET C 163 14.93 -27.09 -8.71
CA MET C 163 14.01 -26.60 -9.74
C MET C 163 13.21 -27.72 -10.38
N ILE C 164 11.90 -27.71 -10.14
CA ILE C 164 11.04 -28.75 -10.71
C ILE C 164 10.19 -28.18 -11.83
N ALA C 165 10.31 -28.77 -13.02
CA ALA C 165 9.54 -28.29 -14.16
C ALA C 165 8.87 -29.38 -15.00
N THR C 166 7.95 -28.94 -15.84
CA THR C 166 7.25 -29.80 -16.79
C THR C 166 7.02 -28.93 -18.00
N GLY C 167 7.33 -29.46 -19.18
CA GLY C 167 7.14 -28.71 -20.40
C GLY C 167 7.72 -27.31 -20.35
N THR C 168 6.93 -26.33 -20.74
CA THR C 168 7.39 -24.93 -20.76
C THR C 168 7.85 -24.37 -19.42
N GLY C 169 7.57 -25.07 -18.34
CA GLY C 169 7.96 -24.61 -17.01
C GLY C 169 9.46 -24.58 -16.82
N VAL C 170 10.19 -25.02 -17.84
CA VAL C 170 11.64 -25.02 -17.78
C VAL C 170 12.17 -23.60 -18.02
N ALA C 171 11.37 -22.78 -18.68
CA ALA C 171 11.73 -21.40 -19.02
C ALA C 171 12.45 -20.60 -17.94
N PRO C 172 11.84 -20.46 -16.74
CA PRO C 172 12.57 -19.68 -15.74
C PRO C 172 13.93 -20.29 -15.39
N PHE C 173 13.99 -21.61 -15.31
CA PHE C 173 15.23 -22.28 -14.95
C PHE C 173 16.33 -22.16 -16.01
N ARG C 174 15.96 -21.97 -17.27
CA ARG C 174 16.97 -21.77 -18.29
C ARG C 174 17.61 -20.43 -17.94
N GLY C 175 16.77 -19.49 -17.50
CA GLY C 175 17.25 -18.17 -17.10
C GLY C 175 18.18 -18.26 -15.92
N TYR C 176 17.73 -18.94 -14.85
CA TYR C 176 18.52 -19.12 -13.63
C TYR C 176 19.92 -19.69 -13.90
N LEU C 177 19.92 -20.83 -14.59
CA LEU C 177 21.15 -21.57 -14.89
C LEU C 177 22.18 -20.84 -15.75
N ARG C 178 21.73 -20.09 -16.77
CA ARG C 178 22.69 -19.36 -17.59
C ARG C 178 23.45 -18.35 -16.74
N ARG C 179 22.71 -17.70 -15.84
CA ARG C 179 23.29 -16.69 -14.95
C ARG C 179 24.21 -17.33 -13.94
N MET C 180 23.89 -18.55 -13.52
CA MET C 180 24.71 -19.26 -12.55
C MET C 180 25.96 -19.87 -13.16
N PHE C 181 25.84 -20.41 -14.38
CA PHE C 181 26.98 -21.08 -15.01
C PHE C 181 27.52 -20.56 -16.35
N MET C 182 26.68 -19.92 -17.17
CA MET C 182 27.14 -19.46 -18.48
C MET C 182 27.68 -18.04 -18.60
N GLU C 183 27.05 -17.09 -17.91
CA GLU C 183 27.47 -15.71 -18.00
C GLU C 183 28.47 -15.22 -16.95
N ASP C 184 29.27 -14.23 -17.35
CA ASP C 184 30.27 -13.64 -16.51
C ASP C 184 29.70 -12.45 -15.72
N VAL C 185 28.99 -12.76 -14.64
CA VAL C 185 28.39 -11.73 -13.79
C VAL C 185 29.24 -11.64 -12.53
N PRO C 186 30.18 -10.68 -12.50
CA PRO C 186 31.10 -10.46 -11.36
C PRO C 186 30.41 -10.38 -10.01
N ASN C 187 29.21 -9.80 -9.98
CA ASN C 187 28.49 -9.64 -8.74
C ASN C 187 27.62 -10.84 -8.34
N TYR C 188 27.78 -11.96 -9.05
CA TYR C 188 27.04 -13.17 -8.69
C TYR C 188 27.77 -14.42 -9.15
N ARG C 189 28.62 -14.93 -8.26
CA ARG C 189 29.39 -16.13 -8.53
C ARG C 189 28.72 -17.26 -7.75
N PHE C 190 27.94 -18.07 -8.46
CA PHE C 190 27.22 -19.18 -7.85
C PHE C 190 28.18 -20.31 -7.45
N GLY C 191 28.16 -20.68 -6.17
CA GLY C 191 29.01 -21.75 -5.69
C GLY C 191 28.19 -22.75 -4.91
N GLY C 192 26.87 -22.69 -5.10
CA GLY C 192 25.98 -23.60 -4.41
C GLY C 192 25.67 -24.82 -5.24
N LEU C 193 24.46 -25.34 -5.08
CA LEU C 193 24.02 -26.52 -5.83
C LEU C 193 22.71 -26.23 -6.52
N ALA C 194 22.68 -26.48 -7.84
CA ALA C 194 21.48 -26.29 -8.63
C ALA C 194 21.03 -27.68 -9.09
N TRP C 195 19.75 -28.00 -8.88
CA TRP C 195 19.22 -29.31 -9.26
C TRP C 195 17.96 -29.17 -10.11
N LEU C 196 18.07 -29.51 -11.39
CA LEU C 196 16.93 -29.39 -12.29
C LEU C 196 16.22 -30.72 -12.54
N PHE C 197 14.93 -30.72 -12.25
CA PHE C 197 14.09 -31.87 -12.48
C PHE C 197 13.12 -31.45 -13.56
N LEU C 198 13.23 -32.10 -14.72
CA LEU C 198 12.37 -31.76 -15.84
C LEU C 198 11.52 -32.94 -16.29
N GLY C 199 10.23 -32.67 -16.50
CA GLY C 199 9.32 -33.70 -16.97
C GLY C 199 8.69 -33.33 -18.32
N VAL C 200 8.88 -34.18 -19.31
CA VAL C 200 8.32 -33.94 -20.64
C VAL C 200 7.61 -35.19 -21.15
N ALA C 201 6.85 -35.05 -22.24
CA ALA C 201 6.12 -36.18 -22.81
C ALA C 201 7.04 -37.30 -23.28
N ASN C 202 8.13 -36.92 -23.94
CA ASN C 202 9.08 -37.90 -24.44
C ASN C 202 10.39 -37.21 -24.81
N SER C 203 11.32 -38.00 -25.35
CA SER C 203 12.63 -37.51 -25.74
C SER C 203 12.58 -36.35 -26.75
N ASP C 204 11.64 -36.42 -27.69
CA ASP C 204 11.50 -35.38 -28.70
C ASP C 204 10.94 -34.09 -28.13
N SER C 205 10.32 -34.20 -26.96
CA SER C 205 9.71 -33.07 -26.29
C SER C 205 10.67 -32.34 -25.35
N LEU C 206 11.91 -32.83 -25.25
CA LEU C 206 12.90 -32.20 -24.38
C LEU C 206 13.15 -30.75 -24.77
N LEU C 207 13.53 -29.92 -23.81
CA LEU C 207 13.77 -28.50 -24.08
C LEU C 207 15.13 -28.02 -23.62
N TYR C 208 15.95 -27.57 -24.57
CA TYR C 208 17.29 -27.06 -24.25
C TYR C 208 18.16 -28.11 -23.58
N ASP C 209 17.83 -29.38 -23.79
CA ASP C 209 18.58 -30.45 -23.14
C ASP C 209 20.12 -30.39 -23.31
N GLU C 210 20.59 -29.98 -24.48
CA GLU C 210 22.03 -29.93 -24.69
C GLU C 210 22.69 -28.88 -23.78
N GLU C 211 22.04 -27.74 -23.64
CA GLU C 211 22.54 -26.70 -22.77
C GLU C 211 22.64 -27.20 -21.32
N PHE C 212 21.63 -27.91 -20.84
CA PHE C 212 21.65 -28.41 -19.47
C PHE C 212 22.68 -29.52 -19.36
N THR C 213 22.85 -30.27 -20.45
CA THR C 213 23.82 -31.35 -20.47
C THR C 213 25.24 -30.80 -20.41
N SER C 214 25.45 -29.60 -20.96
CA SER C 214 26.77 -28.98 -20.93
C SER C 214 27.19 -28.68 -19.48
N TYR C 215 26.25 -28.16 -18.70
CA TYR C 215 26.50 -27.83 -17.30
C TYR C 215 26.92 -29.05 -16.51
N LEU C 216 26.28 -30.18 -16.77
CA LEU C 216 26.62 -31.41 -16.06
C LEU C 216 28.10 -31.72 -16.19
N LYS C 217 28.64 -31.47 -17.37
CA LYS C 217 30.04 -31.73 -17.64
C LYS C 217 30.97 -30.64 -17.10
N GLN C 218 30.52 -29.39 -17.19
CA GLN C 218 31.32 -28.27 -16.73
C GLN C 218 31.35 -28.08 -15.22
N TYR C 219 30.19 -28.17 -14.57
CA TYR C 219 30.13 -27.98 -13.12
C TYR C 219 29.49 -29.15 -12.39
N PRO C 220 30.14 -30.33 -12.45
CA PRO C 220 29.67 -31.56 -11.81
C PRO C 220 29.33 -31.39 -10.32
N ASP C 221 30.08 -30.53 -9.65
CA ASP C 221 29.87 -30.31 -8.23
C ASP C 221 28.76 -29.32 -7.92
N ASN C 222 28.33 -28.54 -8.91
CA ASN C 222 27.29 -27.55 -8.63
C ASN C 222 25.98 -27.73 -9.37
N PHE C 223 25.97 -28.59 -10.38
CA PHE C 223 24.76 -28.81 -11.13
C PHE C 223 24.41 -30.29 -11.27
N ARG C 224 23.12 -30.59 -11.09
CA ARG C 224 22.61 -31.95 -11.24
C ARG C 224 21.36 -31.83 -12.09
N TYR C 225 21.05 -32.87 -12.85
CA TYR C 225 19.95 -32.83 -13.79
C TYR C 225 19.29 -34.20 -13.94
N ASP C 226 17.97 -34.24 -13.82
CA ASP C 226 17.21 -35.47 -13.93
C ASP C 226 15.98 -35.30 -14.81
N LYS C 227 15.82 -36.21 -15.77
CA LYS C 227 14.70 -36.14 -16.69
C LYS C 227 13.70 -37.28 -16.55
N VAL C 228 12.49 -37.01 -17.03
CA VAL C 228 11.41 -37.98 -17.00
C VAL C 228 10.63 -37.92 -18.31
N LEU C 229 10.70 -38.99 -19.08
CA LEU C 229 9.99 -39.07 -20.36
C LEU C 229 8.74 -39.91 -20.12
N SER C 230 7.68 -39.26 -19.65
CA SER C 230 6.41 -39.88 -19.30
C SER C 230 5.81 -40.93 -20.25
N ARG C 231 5.83 -40.67 -21.54
CA ARG C 231 5.27 -41.60 -22.53
C ARG C 231 6.29 -42.68 -22.92
N GLU C 232 7.52 -42.56 -22.41
CA GLU C 232 8.56 -43.52 -22.75
C GLU C 232 9.18 -44.22 -21.55
N GLN C 233 8.69 -43.95 -20.35
CA GLN C 233 9.24 -44.58 -19.15
C GLN C 233 8.15 -44.90 -18.14
N LYS C 234 8.32 -46.01 -17.44
CA LYS C 234 7.36 -46.47 -16.44
C LYS C 234 7.90 -46.16 -15.06
N ASN C 235 7.00 -46.11 -14.08
CA ASN C 235 7.42 -45.86 -12.71
C ASN C 235 7.44 -47.17 -11.91
N ARG C 236 7.31 -47.05 -10.60
CA ARG C 236 7.32 -48.21 -9.71
C ARG C 236 6.27 -49.24 -10.11
N SER C 237 5.01 -48.84 -10.02
CA SER C 237 3.88 -49.71 -10.35
C SER C 237 3.62 -49.79 -11.85
N GLY C 238 4.68 -49.65 -12.65
CA GLY C 238 4.54 -49.73 -14.09
C GLY C 238 3.75 -48.61 -14.75
N GLY C 239 3.32 -47.63 -13.97
CA GLY C 239 2.57 -46.52 -14.54
C GLY C 239 3.46 -45.52 -15.27
N LYS C 240 2.86 -44.50 -15.88
CA LYS C 240 3.64 -43.49 -16.58
C LYS C 240 4.59 -42.75 -15.62
N MET C 241 5.84 -42.60 -16.05
CA MET C 241 6.85 -41.93 -15.24
C MET C 241 6.67 -40.40 -15.26
N TYR C 242 6.47 -39.80 -14.10
CA TYR C 242 6.31 -38.35 -13.97
C TYR C 242 7.44 -37.80 -13.11
N VAL C 243 7.56 -36.46 -13.05
CA VAL C 243 8.62 -35.82 -12.27
C VAL C 243 8.67 -36.20 -10.80
N GLN C 244 7.51 -36.29 -10.15
CA GLN C 244 7.48 -36.65 -8.74
C GLN C 244 8.06 -38.04 -8.51
N ASP C 245 8.03 -38.89 -9.53
CA ASP C 245 8.60 -40.22 -9.39
C ASP C 245 10.11 -40.12 -9.30
N LYS C 246 10.70 -39.19 -10.06
CA LYS C 246 12.15 -39.03 -10.02
C LYS C 246 12.53 -38.42 -8.68
N ILE C 247 11.66 -37.56 -8.17
CA ILE C 247 11.91 -36.93 -6.89
C ILE C 247 11.99 -37.99 -5.79
N GLU C 248 11.08 -38.96 -5.83
CA GLU C 248 11.07 -40.02 -4.84
C GLU C 248 12.43 -40.71 -4.75
N GLU C 249 13.08 -40.92 -5.90
CA GLU C 249 14.38 -41.58 -5.94
C GLU C 249 15.45 -40.80 -5.19
N TYR C 250 15.21 -39.52 -4.94
CA TYR C 250 16.16 -38.69 -4.20
C TYR C 250 15.44 -38.03 -3.04
N SER C 251 14.30 -38.59 -2.67
CA SER C 251 13.47 -38.07 -1.58
C SER C 251 14.23 -37.75 -0.28
N ASP C 252 15.01 -38.70 0.22
CA ASP C 252 15.74 -38.46 1.46
C ASP C 252 16.79 -37.38 1.33
N GLU C 253 17.39 -37.28 0.14
CA GLU C 253 18.41 -36.29 -0.11
C GLU C 253 17.75 -34.91 -0.28
N ILE C 254 16.61 -34.90 -0.96
CA ILE C 254 15.88 -33.66 -1.20
C ILE C 254 15.33 -33.08 0.10
N PHE C 255 14.88 -33.94 1.00
CA PHE C 255 14.36 -33.44 2.27
C PHE C 255 15.49 -32.85 3.09
N LYS C 256 16.62 -33.53 3.09
CA LYS C 256 17.79 -33.05 3.81
C LYS C 256 18.06 -31.62 3.35
N LEU C 257 18.18 -31.44 2.03
CA LEU C 257 18.45 -30.15 1.42
C LEU C 257 17.46 -29.10 1.87
N LEU C 258 16.17 -29.42 1.83
CA LEU C 258 15.14 -28.49 2.27
C LEU C 258 15.39 -28.08 3.72
N ASP C 259 15.88 -29.02 4.51
CA ASP C 259 16.17 -28.74 5.89
C ASP C 259 17.42 -27.87 5.95
N GLY C 260 18.30 -28.07 4.98
CA GLY C 260 19.52 -27.27 4.93
C GLY C 260 19.25 -25.85 4.49
N GLY C 261 17.99 -25.56 4.19
CA GLY C 261 17.60 -24.22 3.77
C GLY C 261 17.51 -24.06 2.27
N ALA C 262 17.36 -25.17 1.55
CA ALA C 262 17.28 -25.11 0.10
C ALA C 262 15.99 -24.50 -0.40
N HIS C 263 16.07 -23.78 -1.52
CA HIS C 263 14.92 -23.17 -2.14
C HIS C 263 14.36 -24.19 -3.11
N ILE C 264 13.04 -24.28 -3.21
CA ILE C 264 12.45 -25.22 -4.14
C ILE C 264 11.46 -24.48 -5.01
N TYR C 265 11.51 -24.76 -6.31
CA TYR C 265 10.63 -24.08 -7.26
C TYR C 265 9.80 -25.06 -8.08
N PHE C 266 8.63 -24.59 -8.52
CA PHE C 266 7.74 -25.40 -9.34
C PHE C 266 7.18 -24.52 -10.45
N CYS C 267 7.34 -24.96 -11.68
CA CYS C 267 6.84 -24.18 -12.79
C CYS C 267 6.34 -25.06 -13.91
N GLY C 268 5.21 -24.66 -14.50
CA GLY C 268 4.63 -25.42 -15.59
C GLY C 268 3.12 -25.36 -15.47
N LEU C 269 2.45 -26.40 -15.96
CA LEU C 269 0.99 -26.44 -15.90
C LEU C 269 0.52 -26.85 -14.50
N LYS C 270 -0.57 -26.23 -14.06
CA LYS C 270 -1.14 -26.50 -12.73
C LYS C 270 -1.32 -27.96 -12.37
N GLY C 271 -1.70 -28.78 -13.34
CA GLY C 271 -1.91 -30.20 -13.08
C GLY C 271 -0.75 -31.00 -12.50
N MET C 272 0.44 -30.41 -12.50
CA MET C 272 1.62 -31.11 -11.99
C MET C 272 1.70 -31.10 -10.47
N MET C 273 1.09 -30.10 -9.85
CA MET C 273 1.16 -29.97 -8.40
C MET C 273 0.49 -31.04 -7.55
N PRO C 274 -0.76 -31.40 -7.86
CA PRO C 274 -1.40 -32.43 -7.04
C PRO C 274 -0.53 -33.69 -6.89
N GLY C 275 -0.03 -34.21 -8.00
CA GLY C 275 0.81 -35.40 -7.97
C GLY C 275 2.12 -35.23 -7.22
N ILE C 276 2.74 -34.07 -7.37
CA ILE C 276 4.01 -33.79 -6.68
C ILE C 276 3.71 -33.67 -5.19
N GLN C 277 2.67 -32.91 -4.88
CA GLN C 277 2.25 -32.69 -3.51
C GLN C 277 1.98 -34.04 -2.84
N ASP C 278 1.39 -34.95 -3.60
CA ASP C 278 1.08 -36.28 -3.09
C ASP C 278 2.36 -37.07 -2.73
N THR C 279 3.36 -36.98 -3.58
CA THR C 279 4.61 -37.69 -3.34
C THR C 279 5.37 -37.13 -2.14
N LEU C 280 5.45 -35.81 -2.05
CA LEU C 280 6.14 -35.20 -0.92
C LEU C 280 5.45 -35.64 0.38
N LYS C 281 4.13 -35.70 0.34
CA LYS C 281 3.34 -36.10 1.50
C LYS C 281 3.77 -37.50 1.98
N LYS C 282 3.78 -38.46 1.05
CA LYS C 282 4.16 -39.83 1.38
C LYS C 282 5.56 -39.88 1.97
N VAL C 283 6.52 -39.26 1.28
CA VAL C 283 7.89 -39.25 1.74
C VAL C 283 7.97 -38.63 3.14
N ALA C 284 7.17 -37.59 3.37
CA ALA C 284 7.14 -36.92 4.67
C ALA C 284 6.74 -37.91 5.76
N GLU C 285 5.56 -38.51 5.61
CA GLU C 285 5.05 -39.47 6.58
C GLU C 285 6.04 -40.63 6.75
N ARG C 286 6.34 -41.30 5.65
CA ARG C 286 7.28 -42.42 5.65
C ARG C 286 8.62 -42.02 6.26
N ARG C 287 8.77 -40.73 6.57
CA ARG C 287 9.99 -40.19 7.14
C ARG C 287 9.76 -39.75 8.58
N GLY C 288 8.57 -40.03 9.09
CA GLY C 288 8.23 -39.67 10.44
C GLY C 288 8.05 -38.16 10.60
N GLU C 289 7.60 -37.50 9.55
CA GLU C 289 7.40 -36.05 9.61
C GLU C 289 5.98 -35.70 9.19
N SER C 290 5.55 -34.49 9.55
CA SER C 290 4.22 -33.99 9.20
C SER C 290 4.35 -33.01 8.05
N TRP C 291 3.92 -33.41 6.86
CA TRP C 291 4.01 -32.55 5.69
C TRP C 291 3.30 -31.22 5.84
N ASP C 292 2.15 -31.23 6.50
CA ASP C 292 1.40 -30.00 6.69
C ASP C 292 2.24 -28.98 7.45
N GLN C 293 2.87 -29.44 8.53
CA GLN C 293 3.72 -28.57 9.35
C GLN C 293 5.02 -28.22 8.64
N LYS C 294 5.52 -29.15 7.83
CA LYS C 294 6.77 -28.93 7.12
C LYS C 294 6.58 -27.91 5.99
N LEU C 295 5.45 -28.02 5.29
CA LEU C 295 5.14 -27.09 4.20
C LEU C 295 4.95 -25.70 4.77
N ALA C 296 4.30 -25.65 5.93
CA ALA C 296 4.04 -24.40 6.62
C ALA C 296 5.34 -23.63 6.83
N GLN C 297 6.33 -24.32 7.38
CA GLN C 297 7.62 -23.71 7.65
C GLN C 297 8.39 -23.32 6.38
N LEU C 298 8.26 -24.13 5.32
CA LEU C 298 8.95 -23.82 4.07
C LEU C 298 8.44 -22.49 3.51
N LYS C 299 7.13 -22.28 3.58
CA LYS C 299 6.56 -21.03 3.08
C LYS C 299 6.99 -19.91 4.02
N LYS C 300 7.09 -20.26 5.29
CA LYS C 300 7.49 -19.34 6.35
C LYS C 300 8.92 -18.84 6.13
N ASN C 301 9.78 -19.72 5.63
CA ASN C 301 11.18 -19.36 5.38
C ASN C 301 11.44 -18.87 3.97
N LYS C 302 10.36 -18.68 3.20
CA LYS C 302 10.48 -18.21 1.81
C LYS C 302 11.33 -19.17 0.97
N GLN C 303 11.10 -20.47 1.13
CA GLN C 303 11.81 -21.52 0.40
C GLN C 303 10.91 -22.19 -0.63
N TRP C 304 9.61 -21.93 -0.53
CA TRP C 304 8.61 -22.52 -1.41
C TRP C 304 8.21 -21.52 -2.51
N HIS C 305 8.51 -21.86 -3.76
CA HIS C 305 8.22 -20.98 -4.89
C HIS C 305 7.43 -21.67 -5.99
N VAL C 306 6.15 -21.32 -6.11
CA VAL C 306 5.29 -21.92 -7.12
C VAL C 306 4.71 -20.92 -8.11
N GLU C 307 4.74 -21.30 -9.37
CA GLU C 307 4.19 -20.48 -10.44
C GLU C 307 3.71 -21.45 -11.50
N VAL C 308 2.49 -21.93 -11.33
CA VAL C 308 1.91 -22.86 -12.27
C VAL C 308 0.69 -22.22 -12.89
N TYR C 309 0.39 -22.64 -14.12
CA TYR C 309 -0.71 -22.07 -14.90
C TYR C 309 -1.42 -23.13 -15.72
#